data_8I6Q
#
_entry.id   8I6Q
#
_cell.length_a   1.00
_cell.length_b   1.00
_cell.length_c   1.00
_cell.angle_alpha   90.00
_cell.angle_beta   90.00
_cell.angle_gamma   90.00
#
_symmetry.space_group_name_H-M   'P 1'
#
loop_
_entity.id
_entity.type
_entity.pdbx_description
1 polymer 'Cell division protein FtsX'
2 polymer 'Cell division ATP-binding protein FtsE'
#
loop_
_entity_poly.entity_id
_entity_poly.type
_entity_poly.pdbx_seq_one_letter_code
_entity_poly.pdbx_strand_id
1 'polypeptide(L)'
;MSANDLPRGPEEGAPERKTREKPSQEQTDWSGSFSAYLESHRASLVDSLRRLFGHPFGSFFTCLVMGITLSLPMGLSLLL
NNVERLGGSWQRAAQISLFLDLKTSENQGQDLREQIERLPDVIEAQLISREQALSELQEQSGLGEALKELPENPLPPVIS
VTPKQIDRAGLEALRQQLAELPHVQQAQLDLVWVERLSAILKLGERFVFGLTILLVLTLLLVVGNTIRLHIENRRNEIEV
IKLVGGTDGYVRRPFLYMGALYGLGAGILSWALLAYSLNWLNGSVVNLSGLYGSDFGLQGVPLDDGLSLTVGAVLLGWVG
AWLAVARHLRELAPR
;
A,C
2 'polypeptide(L)'
;MIRFEQVGKRYPNGHVGLHEVSFRVHRGEILFVTGHSGAGKSTLLRLILAMERPTSGKLLLGGQDLGRITTAQIPFLRRQ
IGVVFQNHQLLTDRTVADNIALPLQILGMPKPEIAKRVASALERVNLKEKGEALPSDLSTGQQQRVGIARAIVHQPALLL
ADEPTGNLDPRLASEIMGVFEDINRLGTTVLIASHDLALIARMRHRMLTLQRGRIIADREDEA
;
B,D
#
# COMPACT_ATOMS: atom_id res chain seq x y z
N SER A 35 3.88 -12.25 -31.91
CA SER A 35 3.55 -13.66 -31.75
C SER A 35 2.76 -13.86 -30.47
N ALA A 36 3.31 -14.65 -29.57
CA ALA A 36 2.75 -14.73 -28.23
C ALA A 36 2.79 -13.36 -27.58
N TYR A 37 3.88 -12.62 -27.78
CA TYR A 37 3.96 -11.26 -27.26
C TYR A 37 2.85 -10.40 -27.82
N LEU A 38 2.42 -10.69 -29.04
CA LEU A 38 1.26 -9.98 -29.59
C LEU A 38 0.05 -10.21 -28.73
N GLU A 39 -0.23 -11.47 -28.38
CA GLU A 39 -1.34 -11.75 -27.49
C GLU A 39 -1.11 -11.09 -26.14
N SER A 40 0.13 -11.05 -25.69
CA SER A 40 0.44 -10.42 -24.42
C SER A 40 0.02 -8.97 -24.41
N HIS A 41 0.46 -8.23 -25.42
CA HIS A 41 0.07 -6.83 -25.53
C HIS A 41 -1.44 -6.71 -25.72
N ARG A 42 -2.05 -7.67 -26.42
CA ARG A 42 -3.48 -7.59 -26.66
C ARG A 42 -4.25 -7.67 -25.36
N ALA A 43 -3.93 -8.66 -24.53
CA ALA A 43 -4.59 -8.75 -23.24
C ALA A 43 -4.23 -7.57 -22.38
N SER A 44 -3.01 -7.07 -22.50
CA SER A 44 -2.63 -5.89 -21.74
C SER A 44 -3.53 -4.73 -22.10
N LEU A 45 -3.78 -4.55 -23.39
CA LEU A 45 -4.72 -3.53 -23.83
C LEU A 45 -6.11 -3.82 -23.32
N VAL A 46 -6.49 -5.08 -23.30
CA VAL A 46 -7.82 -5.44 -22.81
C VAL A 46 -7.98 -5.01 -21.36
N ASP A 47 -7.01 -5.36 -20.54
CA ASP A 47 -7.04 -4.98 -19.13
C ASP A 47 -6.99 -3.47 -18.99
N SER A 48 -6.16 -2.82 -19.81
CA SER A 48 -6.07 -1.38 -19.76
C SER A 48 -7.41 -0.75 -20.09
N LEU A 49 -8.10 -1.30 -21.08
CA LEU A 49 -9.41 -0.78 -21.42
C LEU A 49 -10.38 -1.01 -20.31
N ARG A 50 -10.31 -2.16 -19.67
CA ARG A 50 -11.14 -2.40 -18.50
C ARG A 50 -10.89 -1.32 -17.47
N ARG A 51 -9.62 -1.02 -17.23
CA ARG A 51 -9.26 0.01 -16.28
C ARG A 51 -9.72 1.38 -16.77
N LEU A 52 -9.80 1.56 -18.08
CA LEU A 52 -10.36 2.80 -18.60
C LEU A 52 -11.82 2.91 -18.23
N PHE A 53 -12.60 1.87 -18.55
CA PHE A 53 -13.89 1.70 -17.94
C PHE A 53 -13.74 1.60 -16.44
N GLY A 54 -12.59 1.09 -15.97
CA GLY A 54 -12.30 1.17 -14.56
C GLY A 54 -12.30 2.61 -14.10
N HIS A 55 -12.74 2.82 -12.87
CA HIS A 55 -12.95 4.14 -12.32
C HIS A 55 -13.79 4.97 -13.28
N PRO A 56 -14.78 4.38 -13.95
CA PRO A 56 -15.42 5.09 -15.07
C PRO A 56 -15.83 6.52 -14.75
N PHE A 57 -16.27 6.80 -13.52
CA PHE A 57 -16.49 8.18 -13.12
C PHE A 57 -15.17 8.85 -12.74
N GLY A 58 -14.36 8.16 -11.94
CA GLY A 58 -13.02 8.67 -11.70
C GLY A 58 -12.22 8.74 -12.97
N SER A 59 -12.29 7.70 -13.80
CA SER A 59 -11.64 7.73 -15.11
C SER A 59 -12.26 8.77 -16.00
N PHE A 60 -13.53 9.11 -15.77
CA PHE A 60 -14.15 10.18 -16.54
C PHE A 60 -13.44 11.48 -16.29
N PHE A 61 -13.30 11.85 -15.01
CA PHE A 61 -12.52 13.04 -14.67
C PHE A 61 -11.06 12.87 -15.06
N THR A 62 -10.58 11.63 -15.12
CA THR A 62 -9.17 11.38 -15.42
C THR A 62 -8.86 11.60 -16.89
N CYS A 63 -9.69 11.04 -17.77
CA CYS A 63 -9.57 11.34 -19.18
C CYS A 63 -9.87 12.81 -19.43
N LEU A 64 -10.80 13.37 -18.65
CA LEU A 64 -11.01 14.80 -18.70
C LEU A 64 -9.74 15.54 -18.36
N VAL A 65 -9.01 15.05 -17.37
CA VAL A 65 -7.74 15.65 -16.99
C VAL A 65 -6.73 15.48 -18.12
N MET A 66 -6.71 14.29 -18.72
CA MET A 66 -5.80 14.07 -19.84
C MET A 66 -6.06 15.08 -20.93
N GLY A 67 -7.31 15.19 -21.36
CA GLY A 67 -7.67 16.16 -22.36
C GLY A 67 -7.40 17.58 -21.93
N ILE A 68 -7.63 17.89 -20.65
CA ILE A 68 -7.49 19.26 -20.17
C ILE A 68 -6.03 19.66 -20.12
N THR A 69 -5.19 18.77 -19.60
CA THR A 69 -3.76 18.98 -19.65
C THR A 69 -3.32 19.20 -21.08
N LEU A 70 -3.78 18.35 -21.99
CA LEU A 70 -3.47 18.56 -23.40
C LEU A 70 -3.94 19.92 -23.88
N SER A 71 -5.15 20.31 -23.49
CA SER A 71 -5.73 21.57 -23.96
C SER A 71 -4.85 22.73 -23.55
N LEU A 72 -4.51 22.80 -22.28
CA LEU A 72 -3.47 23.73 -21.90
C LEU A 72 -2.21 23.47 -22.70
N PRO A 73 -1.70 22.25 -22.79
CA PRO A 73 -0.45 22.01 -23.51
C PRO A 73 -0.55 22.29 -24.98
N MET A 74 -1.61 21.83 -25.65
CA MET A 74 -1.75 22.14 -27.06
C MET A 74 -2.02 23.63 -27.25
N GLY A 75 -2.89 24.19 -26.41
CA GLY A 75 -3.26 25.58 -26.59
C GLY A 75 -2.07 26.50 -26.56
N LEU A 76 -1.14 26.25 -25.66
CA LEU A 76 0.15 26.91 -25.75
C LEU A 76 0.99 26.40 -26.91
N SER A 77 0.86 25.13 -27.26
CA SER A 77 1.80 24.50 -28.17
C SER A 77 1.76 25.14 -29.54
N LEU A 78 0.57 25.51 -30.00
CA LEU A 78 0.41 26.18 -31.28
C LEU A 78 -0.17 27.56 -31.02
N LEU A 79 0.57 28.58 -31.43
CA LEU A 79 0.02 29.92 -31.52
C LEU A 79 0.53 30.67 -32.74
N LEU A 80 1.11 29.96 -33.71
CA LEU A 80 1.69 30.60 -34.88
C LEU A 80 0.54 31.07 -35.75
N ASN A 81 0.18 32.34 -35.56
CA ASN A 81 -1.03 32.89 -36.16
C ASN A 81 -0.76 33.64 -37.45
N ASN A 82 0.05 34.70 -37.40
CA ASN A 82 0.32 35.46 -38.63
C ASN A 82 1.26 34.73 -39.56
N VAL A 83 1.84 33.61 -39.12
CA VAL A 83 2.74 32.82 -39.95
C VAL A 83 2.00 32.33 -41.19
N ASP A 190 -1.80 51.89 -36.98
CA ASP A 190 -0.51 51.55 -36.41
C ASP A 190 0.40 50.91 -37.44
N LEU A 191 0.26 51.33 -38.70
CA LEU A 191 1.03 50.76 -39.79
C LEU A 191 2.46 51.29 -39.86
N VAL A 192 2.81 52.29 -39.05
CA VAL A 192 4.19 52.75 -39.00
C VAL A 192 5.14 51.71 -38.45
N TRP A 193 4.61 50.71 -37.74
CA TRP A 193 5.43 49.61 -37.24
C TRP A 193 5.56 48.48 -38.25
N VAL A 194 4.97 48.62 -39.44
CA VAL A 194 5.01 47.55 -40.43
C VAL A 194 6.45 47.24 -40.82
N GLU A 195 7.24 48.29 -41.07
CA GLU A 195 8.64 48.08 -41.41
C GLU A 195 9.41 47.45 -40.26
N ARG A 196 9.16 47.92 -39.03
CA ARG A 196 9.90 47.40 -37.88
C ARG A 196 9.49 45.98 -37.53
N LEU A 197 8.34 45.52 -38.02
CA LEU A 197 7.87 44.18 -37.66
C LEU A 197 8.77 43.06 -38.16
N SER A 198 9.71 43.34 -39.06
CA SER A 198 10.55 42.29 -39.62
C SER A 198 11.34 41.57 -38.54
N ALA A 199 11.94 42.32 -37.62
CA ALA A 199 12.72 41.70 -36.56
C ALA A 199 11.85 41.11 -35.46
N ILE A 200 10.56 41.45 -35.43
CA ILE A 200 9.67 40.85 -34.43
C ILE A 200 9.64 39.35 -34.62
N LEU A 201 9.76 38.87 -35.86
CA LEU A 201 9.80 37.43 -36.10
C LEU A 201 11.02 36.80 -35.44
N LYS A 202 12.19 37.41 -35.61
CA LYS A 202 13.38 36.90 -34.96
C LYS A 202 13.20 36.93 -33.44
N LEU A 203 12.59 37.99 -32.93
CA LEU A 203 12.35 38.09 -31.49
C LEU A 203 11.45 36.96 -31.02
N GLY A 204 10.40 36.66 -31.77
CA GLY A 204 9.48 35.61 -31.40
C GLY A 204 9.98 34.22 -31.65
N GLU A 205 11.04 34.08 -32.46
CA GLU A 205 11.59 32.76 -32.76
C GLU A 205 11.90 32.00 -31.48
N ARG A 206 12.46 32.68 -30.49
CA ARG A 206 12.72 32.08 -29.19
C ARG A 206 11.67 32.46 -28.15
N PHE A 207 10.63 33.19 -28.55
CA PHE A 207 9.68 33.72 -27.57
C PHE A 207 8.98 32.60 -26.80
N VAL A 208 8.63 31.54 -27.49
CA VAL A 208 7.99 30.40 -26.84
C VAL A 208 8.69 29.12 -27.26
N PHE A 209 9.87 29.26 -27.85
CA PHE A 209 10.63 28.08 -28.25
C PHE A 209 10.88 27.18 -27.06
N GLY A 210 11.19 27.77 -25.90
CA GLY A 210 11.36 26.98 -24.69
C GLY A 210 10.09 26.73 -23.91
N LEU A 211 9.07 27.57 -24.10
CA LEU A 211 7.81 27.33 -23.41
C LEU A 211 7.26 25.97 -23.78
N THR A 212 7.52 25.54 -25.01
CA THR A 212 7.13 24.19 -25.42
C THR A 212 7.81 23.16 -24.54
N ILE A 213 9.11 23.31 -24.30
CA ILE A 213 9.81 22.37 -23.44
C ILE A 213 9.20 22.39 -22.04
N LEU A 214 8.95 23.60 -21.53
CA LEU A 214 8.40 23.73 -20.19
C LEU A 214 7.10 22.96 -20.05
N LEU A 215 6.19 23.17 -21.00
CA LEU A 215 4.96 22.40 -21.01
C LEU A 215 5.26 20.91 -21.15
N VAL A 216 6.29 20.55 -21.91
CA VAL A 216 6.63 19.15 -22.09
C VAL A 216 7.04 18.56 -20.75
N LEU A 217 7.83 19.30 -19.98
CA LEU A 217 8.21 18.83 -18.66
C LEU A 217 6.98 18.64 -17.79
N THR A 218 6.07 19.62 -17.81
CA THR A 218 4.87 19.49 -17.01
C THR A 218 4.06 18.27 -17.41
N LEU A 219 4.01 18.00 -18.72
CA LEU A 219 3.29 16.83 -19.21
C LEU A 219 3.92 15.55 -18.67
N LEU A 220 5.25 15.47 -18.74
CA LEU A 220 5.91 14.30 -18.19
C LEU A 220 5.56 14.14 -16.71
N LEU A 221 5.50 15.26 -16.00
CA LEU A 221 5.22 15.21 -14.58
C LEU A 221 3.84 14.63 -14.30
N VAL A 222 2.82 15.15 -14.99
CA VAL A 222 1.48 14.66 -14.75
C VAL A 222 1.38 13.18 -15.13
N VAL A 223 2.02 12.80 -16.23
CA VAL A 223 1.97 11.41 -16.67
C VAL A 223 2.56 10.51 -15.60
N GLY A 224 3.73 10.88 -15.08
CA GLY A 224 4.34 10.06 -14.05
C GLY A 224 3.47 9.98 -12.80
N ASN A 225 2.89 11.11 -12.39
CA ASN A 225 2.06 11.10 -11.20
C ASN A 225 0.91 10.13 -11.37
N THR A 226 0.19 10.24 -12.48
CA THR A 226 -0.95 9.37 -12.69
C THR A 226 -0.50 7.91 -12.77
N ILE A 227 0.57 7.65 -13.50
CA ILE A 227 1.02 6.28 -13.68
C ILE A 227 1.35 5.67 -12.33
N ARG A 228 2.13 6.38 -11.52
CA ARG A 228 2.48 5.87 -10.21
C ARG A 228 1.23 5.61 -9.39
N LEU A 229 0.28 6.56 -9.40
CA LEU A 229 -0.94 6.35 -8.64
C LEU A 229 -1.60 5.05 -9.04
N HIS A 230 -1.80 4.84 -10.33
CA HIS A 230 -2.31 3.55 -10.77
C HIS A 230 -1.34 2.45 -10.42
N ILE A 231 -0.05 2.68 -10.65
CA ILE A 231 0.96 1.67 -10.32
C ILE A 231 0.92 1.36 -8.84
N GLU A 232 0.71 2.39 -8.02
CA GLU A 232 0.70 2.17 -6.58
C GLU A 232 -0.40 1.18 -6.21
N ASN A 233 -1.58 1.33 -6.79
CA ASN A 233 -2.63 0.36 -6.55
C ASN A 233 -2.19 -1.01 -7.03
N ARG A 234 -2.77 -2.04 -6.43
CA ARG A 234 -2.54 -3.44 -6.83
C ARG A 234 -1.10 -3.86 -6.59
N ARG A 235 -0.41 -3.18 -5.67
CA ARG A 235 0.95 -3.58 -5.37
C ARG A 235 1.02 -5.01 -4.86
N ASN A 236 0.09 -5.38 -3.98
CA ASN A 236 0.09 -6.73 -3.44
C ASN A 236 -0.03 -7.75 -4.54
N GLU A 237 -0.93 -7.50 -5.49
CA GLU A 237 -1.07 -8.42 -6.62
C GLU A 237 0.21 -8.48 -7.40
N ILE A 238 0.85 -7.33 -7.62
CA ILE A 238 2.11 -7.33 -8.34
C ILE A 238 3.10 -8.22 -7.64
N GLU A 239 3.21 -8.07 -6.32
CA GLU A 239 4.11 -8.93 -5.57
C GLU A 239 3.77 -10.38 -5.80
N VAL A 240 2.49 -10.72 -5.71
CA VAL A 240 2.08 -12.10 -5.89
C VAL A 240 2.57 -12.60 -7.24
N ILE A 241 2.40 -11.79 -8.26
CA ILE A 241 2.90 -12.18 -9.57
C ILE A 241 4.39 -12.42 -9.50
N LYS A 242 5.11 -11.45 -8.96
CA LYS A 242 6.52 -11.66 -8.69
C LYS A 242 6.70 -12.83 -7.76
N LEU A 243 5.80 -12.99 -6.80
CA LEU A 243 5.89 -14.13 -5.91
C LEU A 243 5.85 -15.42 -6.70
N VAL A 244 4.95 -15.50 -7.68
CA VAL A 244 5.01 -16.62 -8.62
C VAL A 244 6.21 -16.53 -9.52
N GLY A 245 6.93 -15.42 -9.51
CA GLY A 245 7.95 -15.18 -10.50
C GLY A 245 7.28 -14.54 -11.69
N GLY A 246 7.64 -13.29 -11.99
CA GLY A 246 6.98 -12.51 -13.02
C GLY A 246 7.85 -12.27 -14.24
N THR A 247 7.26 -11.70 -15.29
CA THR A 247 7.98 -11.27 -16.47
C THR A 247 8.01 -9.76 -16.47
N ASP A 248 9.21 -9.19 -16.68
CA ASP A 248 9.33 -7.74 -16.73
C ASP A 248 8.34 -7.17 -17.74
N GLY A 249 8.27 -7.78 -18.92
CA GLY A 249 7.27 -7.35 -19.88
C GLY A 249 5.86 -7.53 -19.38
N TYR A 250 5.63 -8.59 -18.60
CA TYR A 250 4.30 -8.81 -18.06
C TYR A 250 3.88 -7.62 -17.20
N VAL A 251 4.78 -7.12 -16.38
CA VAL A 251 4.49 -5.90 -15.63
C VAL A 251 4.34 -4.73 -16.59
N ARG A 252 5.31 -4.58 -17.49
CA ARG A 252 5.43 -3.35 -18.24
C ARG A 252 4.22 -3.11 -19.13
N ARG A 253 3.88 -4.10 -19.94
CA ARG A 253 2.85 -3.90 -20.95
C ARG A 253 1.55 -3.39 -20.34
N PRO A 254 1.05 -3.98 -19.27
CA PRO A 254 -0.23 -3.51 -18.70
C PRO A 254 -0.18 -2.06 -18.33
N PHE A 255 1.00 -1.53 -18.01
CA PHE A 255 1.14 -0.12 -17.72
C PHE A 255 1.49 0.70 -18.95
N LEU A 256 2.46 0.26 -19.75
CA LEU A 256 2.91 1.07 -20.88
C LEU A 256 1.77 1.32 -21.84
N TYR A 257 1.04 0.27 -22.20
CA TYR A 257 -0.16 0.49 -22.97
C TYR A 257 -1.16 1.34 -22.21
N MET A 258 -1.19 1.21 -20.88
CA MET A 258 -2.15 1.98 -20.10
C MET A 258 -1.91 3.47 -20.24
N GLY A 259 -0.64 3.88 -20.29
CA GLY A 259 -0.38 5.30 -20.32
C GLY A 259 -0.28 5.89 -21.70
N ALA A 260 0.40 5.20 -22.62
CA ALA A 260 0.54 5.74 -23.96
C ALA A 260 -0.83 6.00 -24.57
N LEU A 261 -1.79 5.14 -24.26
CA LEU A 261 -3.13 5.31 -24.79
C LEU A 261 -3.78 6.59 -24.26
N TYR A 262 -3.69 6.83 -22.95
CA TYR A 262 -4.28 8.04 -22.40
C TYR A 262 -3.66 9.26 -23.04
N GLY A 263 -2.34 9.24 -23.21
CA GLY A 263 -1.67 10.36 -23.86
C GLY A 263 -2.15 10.57 -25.29
N LEU A 264 -2.23 9.49 -26.06
CA LEU A 264 -2.69 9.61 -27.43
C LEU A 264 -4.09 10.17 -27.50
N GLY A 265 -4.96 9.72 -26.59
CA GLY A 265 -6.34 10.22 -26.61
C GLY A 265 -6.41 11.70 -26.32
N ALA A 266 -5.68 12.16 -25.32
CA ALA A 266 -5.67 13.59 -25.03
C ALA A 266 -5.16 14.38 -26.24
N GLY A 267 -4.07 13.92 -26.84
CA GLY A 267 -3.52 14.64 -27.98
C GLY A 267 -4.47 14.68 -29.16
N ILE A 268 -5.21 13.60 -29.36
CA ILE A 268 -6.22 13.59 -30.41
C ILE A 268 -7.27 14.63 -30.11
N LEU A 269 -7.77 14.65 -28.87
CA LEU A 269 -8.76 15.66 -28.50
C LEU A 269 -8.23 17.05 -28.81
N SER A 270 -6.92 17.24 -28.66
CA SER A 270 -6.33 18.54 -28.92
C SER A 270 -6.56 18.98 -30.36
N TRP A 271 -6.37 18.08 -31.33
CA TRP A 271 -6.37 18.49 -32.72
C TRP A 271 -7.70 19.11 -33.10
N ALA A 272 -8.80 18.49 -32.67
CA ALA A 272 -10.11 19.06 -32.94
C ALA A 272 -10.37 20.29 -32.07
N LEU A 273 -10.07 20.19 -30.77
CA LEU A 273 -10.40 21.31 -29.88
C LEU A 273 -9.69 22.57 -30.30
N LEU A 274 -8.61 22.45 -31.08
CA LEU A 274 -7.92 23.62 -31.58
C LEU A 274 -8.86 24.51 -32.39
N ALA A 275 -9.37 24.00 -33.50
CA ALA A 275 -10.25 24.78 -34.33
C ALA A 275 -11.64 24.94 -33.73
N TYR A 276 -12.02 24.06 -32.80
CA TYR A 276 -13.32 24.19 -32.15
C TYR A 276 -13.48 25.58 -31.55
N SER A 277 -12.51 26.01 -30.76
CA SER A 277 -12.53 27.36 -30.22
C SER A 277 -12.12 28.39 -31.26
N LEU A 278 -11.28 27.99 -32.22
CA LEU A 278 -10.78 28.96 -33.19
C LEU A 278 -11.92 29.56 -33.98
N ASN A 279 -12.86 28.72 -34.42
CA ASN A 279 -14.00 29.24 -35.18
C ASN A 279 -14.82 30.20 -34.34
N TRP A 280 -15.15 29.81 -33.11
CA TRP A 280 -15.90 30.70 -32.23
C TRP A 280 -15.17 32.02 -32.05
N LEU A 281 -13.84 31.98 -32.08
CA LEU A 281 -13.07 33.20 -32.05
C LEU A 281 -13.21 33.99 -33.34
N ASN A 282 -13.28 33.28 -34.47
CA ASN A 282 -13.26 33.94 -35.77
C ASN A 282 -14.37 34.96 -35.90
N GLY A 283 -15.52 34.70 -35.29
CA GLY A 283 -16.59 35.68 -35.25
C GLY A 283 -16.61 36.39 -33.92
N PHE A 296 -6.41 35.07 -42.93
CA PHE A 296 -6.38 33.66 -42.58
C PHE A 296 -7.56 33.28 -41.70
N GLY A 297 -8.15 32.12 -41.95
CA GLY A 297 -9.27 31.65 -41.17
C GLY A 297 -8.84 31.02 -39.88
N LEU A 298 -9.81 30.79 -38.99
CA LEU A 298 -9.54 30.31 -37.65
C LEU A 298 -9.81 28.80 -37.56
N GLN A 299 -8.87 28.02 -38.12
CA GLN A 299 -8.90 26.57 -38.06
C GLN A 299 -7.60 26.02 -38.61
N GLY A 300 -6.92 25.17 -37.83
CA GLY A 300 -5.65 24.63 -38.27
C GLY A 300 -5.75 23.53 -39.29
N VAL A 301 -6.24 22.37 -38.87
CA VAL A 301 -6.46 21.20 -39.73
C VAL A 301 -5.23 20.92 -40.59
N PRO A 302 -4.02 21.01 -40.05
CA PRO A 302 -2.83 20.75 -40.85
C PRO A 302 -2.63 19.26 -41.07
N LEU A 303 -1.77 18.94 -42.03
CA LEU A 303 -1.56 17.57 -42.45
C LEU A 303 -0.40 16.90 -41.71
N ASP A 304 0.84 17.29 -42.00
CA ASP A 304 1.97 16.73 -41.27
C ASP A 304 1.92 17.16 -39.81
N ASP A 305 1.57 18.42 -39.56
CA ASP A 305 1.39 18.88 -38.20
C ASP A 305 0.20 18.21 -37.54
N GLY A 306 -0.88 18.00 -38.29
CA GLY A 306 -2.00 17.25 -37.74
C GLY A 306 -1.59 15.86 -37.32
N LEU A 307 -0.73 15.22 -38.11
CA LEU A 307 -0.19 13.92 -37.74
C LEU A 307 0.65 14.01 -36.47
N SER A 308 1.60 14.94 -36.44
CA SER A 308 2.45 15.09 -35.29
C SER A 308 1.70 15.53 -34.04
N LEU A 309 0.48 16.03 -34.21
CA LEU A 309 -0.32 16.47 -33.07
C LEU A 309 -0.51 15.34 -32.07
N THR A 310 -0.71 14.13 -32.57
CA THR A 310 -0.84 12.98 -31.70
C THR A 310 0.42 12.14 -31.61
N VAL A 311 1.43 12.42 -32.44
CA VAL A 311 2.65 11.63 -32.37
C VAL A 311 3.28 11.76 -31.00
N GLY A 312 3.48 13.00 -30.55
CA GLY A 312 3.95 13.21 -29.20
C GLY A 312 2.97 12.73 -28.16
N ALA A 313 1.68 12.77 -28.46
CA ALA A 313 0.69 12.31 -27.50
C ALA A 313 0.98 10.88 -27.06
N VAL A 314 1.50 10.07 -27.96
CA VAL A 314 1.88 8.71 -27.60
C VAL A 314 3.33 8.62 -27.18
N LEU A 315 4.20 9.42 -27.79
CA LEU A 315 5.61 9.37 -27.42
C LEU A 315 5.80 9.72 -25.96
N LEU A 316 5.14 10.79 -25.52
CA LEU A 316 5.22 11.20 -24.12
C LEU A 316 4.66 10.12 -23.22
N GLY A 317 3.56 9.49 -23.63
CA GLY A 317 3.01 8.41 -22.82
C GLY A 317 4.04 7.31 -22.61
N TRP A 318 4.66 6.86 -23.70
CA TRP A 318 5.66 5.81 -23.58
C TRP A 318 6.82 6.26 -22.70
N VAL A 319 7.26 7.50 -22.87
CA VAL A 319 8.45 7.95 -22.15
C VAL A 319 8.16 8.07 -20.66
N GLY A 320 7.07 8.77 -20.31
CA GLY A 320 6.70 8.91 -18.92
C GLY A 320 6.44 7.58 -18.27
N ALA A 321 5.88 6.64 -19.02
CA ALA A 321 5.73 5.30 -18.49
C ALA A 321 7.09 4.67 -18.21
N TRP A 322 8.04 4.82 -19.13
CA TRP A 322 9.36 4.24 -18.88
C TRP A 322 9.94 4.82 -17.61
N LEU A 323 9.80 6.12 -17.42
CA LEU A 323 10.35 6.76 -16.24
C LEU A 323 9.69 6.24 -14.98
N ALA A 324 8.35 6.28 -14.94
CA ALA A 324 7.64 5.86 -13.74
C ALA A 324 7.91 4.40 -13.45
N VAL A 325 7.97 3.58 -14.49
CA VAL A 325 8.21 2.15 -14.32
C VAL A 325 9.60 1.94 -13.75
N ALA A 326 10.59 2.66 -14.25
CA ALA A 326 11.94 2.52 -13.70
C ALA A 326 11.93 2.87 -12.23
N ARG A 327 11.30 3.98 -11.86
CA ARG A 327 11.27 4.37 -10.47
C ARG A 327 10.62 3.30 -9.61
N HIS A 328 9.43 2.85 -10.01
CA HIS A 328 8.68 1.91 -9.19
C HIS A 328 9.36 0.55 -9.13
N LEU A 329 9.94 0.11 -10.24
CA LEU A 329 10.58 -1.19 -10.28
C LEU A 329 11.86 -1.19 -9.49
N ARG A 330 12.67 -0.14 -9.64
CA ARG A 330 13.85 0.01 -8.80
C ARG A 330 13.44 0.05 -7.33
N GLU A 331 12.29 0.66 -7.05
CA GLU A 331 11.72 0.59 -5.71
C GLU A 331 11.43 -0.85 -5.32
N LEU A 332 10.85 -1.63 -6.24
CA LEU A 332 10.74 -3.06 -6.03
C LEU A 332 12.12 -3.69 -5.94
N ALA A 333 13.06 -3.19 -6.74
CA ALA A 333 14.43 -3.67 -6.71
C ALA A 333 15.13 -3.20 -5.44
N MET B 1 18.58 -38.44 -6.34
CA MET B 1 18.60 -37.66 -5.12
C MET B 1 19.37 -36.38 -5.28
N ILE B 2 18.94 -35.34 -4.56
CA ILE B 2 19.60 -34.06 -4.57
C ILE B 2 20.34 -33.89 -3.25
N ARG B 3 21.14 -32.83 -3.15
CA ARG B 3 21.91 -32.58 -1.94
C ARG B 3 22.28 -31.11 -1.81
N PHE B 4 22.79 -30.76 -0.63
CA PHE B 4 23.25 -29.41 -0.33
C PHE B 4 24.43 -29.47 0.63
N GLU B 5 25.19 -28.38 0.70
CA GLU B 5 26.43 -28.34 1.45
C GLU B 5 26.43 -27.17 2.41
N GLN B 6 27.37 -27.20 3.35
CA GLN B 6 27.44 -26.26 4.47
C GLN B 6 27.34 -24.82 3.99
N VAL B 7 26.42 -24.07 4.58
CA VAL B 7 26.06 -22.75 4.09
C VAL B 7 25.67 -21.84 5.24
N GLY B 8 26.11 -20.58 5.17
CA GLY B 8 25.75 -19.58 6.16
C GLY B 8 25.49 -18.22 5.55
N LYS B 9 24.64 -17.41 6.16
CA LYS B 9 24.37 -16.08 5.67
C LYS B 9 24.31 -15.09 6.80
N ARG B 10 25.25 -14.16 6.81
CA ARG B 10 25.11 -13.02 7.70
C ARG B 10 23.93 -12.19 7.26
N TYR B 11 23.10 -11.80 8.21
CA TYR B 11 22.16 -10.77 7.91
C TYR B 11 22.94 -9.48 7.66
N PRO B 12 22.35 -8.53 6.95
CA PRO B 12 23.05 -7.25 6.77
C PRO B 12 23.40 -6.61 8.09
N ASN B 13 22.57 -6.82 9.11
CA ASN B 13 22.94 -6.52 10.47
C ASN B 13 23.95 -7.51 11.02
N GLY B 14 24.62 -8.27 10.15
CA GLY B 14 25.54 -9.28 10.61
C GLY B 14 24.88 -10.50 11.19
N HIS B 15 23.56 -10.47 11.39
CA HIS B 15 22.88 -11.52 12.13
C HIS B 15 22.86 -12.79 11.29
N VAL B 16 24.01 -13.46 11.29
CA VAL B 16 24.19 -14.68 10.51
C VAL B 16 23.09 -15.66 10.87
N GLY B 17 22.22 -15.94 9.90
CA GLY B 17 21.11 -16.84 10.18
C GLY B 17 21.58 -18.24 10.52
N LEU B 18 22.55 -18.75 9.76
CA LEU B 18 23.06 -20.10 9.98
C LEU B 18 24.57 -20.08 9.97
N HIS B 19 25.19 -20.83 10.87
CA HIS B 19 26.63 -20.97 10.80
C HIS B 19 27.03 -21.70 9.53
N GLU B 20 26.53 -22.91 9.35
CA GLU B 20 26.66 -23.69 8.13
C GLU B 20 25.41 -24.56 8.10
N VAL B 21 25.19 -25.21 6.96
CA VAL B 21 24.17 -26.26 6.89
C VAL B 21 24.33 -27.00 5.59
N SER B 22 24.15 -28.32 5.65
CA SER B 22 24.21 -29.19 4.47
C SER B 22 23.10 -30.21 4.58
N PHE B 23 22.62 -30.69 3.43
CA PHE B 23 21.54 -31.67 3.44
C PHE B 23 21.45 -32.36 2.10
N ARG B 24 21.20 -33.67 2.13
CA ARG B 24 20.97 -34.42 0.91
C ARG B 24 19.48 -34.58 0.69
N VAL B 25 19.00 -34.16 -0.48
CA VAL B 25 17.58 -34.29 -0.78
C VAL B 25 17.33 -35.63 -1.44
N HIS B 26 16.59 -36.49 -0.76
CA HIS B 26 16.17 -37.75 -1.37
C HIS B 26 15.04 -37.38 -2.32
N ARG B 27 15.30 -37.55 -3.62
CA ARG B 27 14.35 -37.12 -4.63
C ARG B 27 12.98 -37.75 -4.37
N GLY B 28 11.94 -36.92 -4.46
CA GLY B 28 10.58 -37.40 -4.29
C GLY B 28 10.15 -37.66 -2.87
N GLU B 29 10.97 -37.29 -1.88
CA GLU B 29 10.68 -37.63 -0.50
C GLU B 29 9.87 -36.52 0.15
N ILE B 30 9.62 -36.69 1.44
CA ILE B 30 8.90 -35.72 2.26
C ILE B 30 9.65 -35.55 3.57
N LEU B 31 9.80 -34.29 4.01
CA LEU B 31 10.46 -33.98 5.27
C LEU B 31 9.71 -32.86 5.97
N PHE B 32 9.53 -33.02 7.28
CA PHE B 32 8.88 -32.02 8.12
C PHE B 32 9.94 -31.37 8.99
N VAL B 33 10.06 -30.05 8.93
CA VAL B 33 11.09 -29.33 9.65
C VAL B 33 10.48 -28.48 10.75
N THR B 34 11.06 -28.57 11.94
CA THR B 34 10.77 -27.66 13.04
C THR B 34 12.02 -27.55 13.88
N GLY B 35 12.25 -26.39 14.46
CA GLY B 35 13.50 -26.10 15.12
C GLY B 35 13.28 -25.30 16.38
N HIS B 36 14.23 -24.41 16.66
CA HIS B 36 14.21 -23.62 17.89
C HIS B 36 12.93 -22.81 17.97
N SER B 37 12.62 -22.36 19.18
CA SER B 37 11.36 -21.66 19.40
C SER B 37 11.28 -20.40 18.56
N GLY B 38 12.38 -19.66 18.44
CA GLY B 38 12.38 -18.42 17.70
C GLY B 38 13.34 -18.35 16.53
N ALA B 39 13.88 -19.49 16.10
CA ALA B 39 14.90 -19.47 15.07
C ALA B 39 14.36 -18.92 13.76
N GLY B 40 15.25 -18.31 12.99
CA GLY B 40 14.88 -17.84 11.68
C GLY B 40 14.74 -18.99 10.71
N LYS B 41 14.08 -20.05 11.17
CA LYS B 41 13.70 -21.11 10.25
C LYS B 41 12.91 -20.54 9.11
N SER B 42 12.13 -19.51 9.39
CA SER B 42 11.53 -18.74 8.31
C SER B 42 12.60 -18.19 7.41
N THR B 43 13.66 -17.64 7.98
CA THR B 43 14.77 -17.20 7.16
C THR B 43 15.40 -18.40 6.46
N LEU B 44 15.50 -19.53 7.16
CA LEU B 44 15.98 -20.74 6.51
C LEU B 44 15.17 -21.01 5.25
N LEU B 45 13.87 -20.81 5.33
CA LEU B 45 13.00 -21.07 4.20
C LEU B 45 13.24 -20.06 3.10
N ARG B 46 13.27 -18.78 3.43
CA ARG B 46 13.52 -17.78 2.41
C ARG B 46 14.82 -18.09 1.69
N LEU B 47 15.82 -18.53 2.44
CA LEU B 47 17.06 -18.97 1.84
C LEU B 47 16.83 -20.15 0.92
N ILE B 48 16.00 -21.09 1.35
CA ILE B 48 15.67 -22.21 0.49
C ILE B 48 15.10 -21.69 -0.81
N LEU B 49 14.29 -20.66 -0.74
CA LEU B 49 13.82 -19.97 -1.92
C LEU B 49 14.95 -19.29 -2.65
N ALA B 50 16.12 -19.18 -2.02
CA ALA B 50 17.19 -18.33 -2.50
C ALA B 50 16.71 -16.93 -2.76
N MET B 51 15.69 -16.50 -2.02
CA MET B 51 15.19 -15.14 -2.17
C MET B 51 16.32 -14.14 -2.00
N GLU B 52 17.25 -14.42 -1.11
CA GLU B 52 18.47 -13.64 -0.99
C GLU B 52 19.60 -14.31 -1.77
N ARG B 53 20.68 -13.57 -1.94
CA ARG B 53 21.86 -14.12 -2.57
C ARG B 53 22.43 -15.23 -1.68
N PRO B 54 23.17 -16.19 -2.23
CA PRO B 54 23.56 -17.37 -1.46
C PRO B 54 24.49 -17.12 -0.28
N THR B 55 25.07 -15.93 -0.15
CA THR B 55 25.99 -15.61 0.93
C THR B 55 27.08 -16.66 1.04
N SER B 56 27.27 -17.24 2.23
CA SER B 56 28.28 -18.25 2.40
C SER B 56 27.69 -19.64 2.28
N GLY B 57 28.35 -20.51 1.53
CA GLY B 57 27.93 -21.88 1.45
C GLY B 57 27.79 -22.48 0.06
N LYS B 58 27.50 -23.78 -0.01
CA LYS B 58 27.35 -24.47 -1.27
C LYS B 58 26.06 -25.28 -1.26
N LEU B 59 25.39 -25.32 -2.41
CA LEU B 59 24.22 -26.18 -2.57
C LEU B 59 24.01 -26.46 -4.05
N LEU B 60 23.62 -27.69 -4.33
CA LEU B 60 23.39 -28.15 -5.70
C LEU B 60 21.94 -28.59 -5.79
N LEU B 61 21.07 -27.65 -6.20
CA LEU B 61 19.63 -27.92 -6.26
C LEU B 61 19.38 -28.86 -7.43
N GLY B 62 19.53 -30.15 -7.16
CA GLY B 62 19.36 -31.13 -8.22
C GLY B 62 20.34 -30.85 -9.34
N GLY B 63 19.81 -30.57 -10.51
CA GLY B 63 20.62 -30.26 -11.67
C GLY B 63 21.16 -28.85 -11.74
N GLN B 64 20.85 -28.00 -10.77
CA GLN B 64 21.31 -26.63 -10.78
C GLN B 64 21.93 -26.30 -9.44
N ASP B 65 23.08 -25.64 -9.46
CA ASP B 65 23.64 -25.08 -8.25
C ASP B 65 23.07 -23.68 -8.04
N LEU B 66 22.83 -23.34 -6.77
CA LEU B 66 22.25 -22.05 -6.44
C LEU B 66 23.19 -20.90 -6.77
N GLY B 67 24.47 -21.17 -6.98
CA GLY B 67 25.39 -20.11 -7.31
C GLY B 67 25.11 -19.55 -8.69
N ARG B 68 25.82 -18.47 -9.02
CA ARG B 68 25.68 -17.81 -10.31
C ARG B 68 24.23 -17.39 -10.53
N ILE B 69 23.73 -16.55 -9.61
CA ILE B 69 22.37 -16.08 -9.71
C ILE B 69 22.18 -15.34 -11.03
N THR B 70 21.51 -15.97 -11.97
CA THR B 70 21.17 -15.35 -13.23
C THR B 70 19.78 -14.76 -13.10
N THR B 71 19.72 -13.45 -12.84
CA THR B 71 18.45 -12.81 -12.56
C THR B 71 17.46 -13.08 -13.68
N ALA B 72 17.97 -13.20 -14.91
CA ALA B 72 17.11 -13.62 -16.01
C ALA B 72 16.53 -15.00 -15.75
N GLN B 73 17.36 -15.93 -15.27
CA GLN B 73 16.87 -17.28 -15.04
C GLN B 73 15.85 -17.34 -13.93
N ILE B 74 15.66 -16.26 -13.18
CA ILE B 74 14.75 -16.29 -12.03
C ILE B 74 13.36 -16.77 -12.44
N PRO B 75 12.55 -15.99 -13.16
CA PRO B 75 11.25 -16.52 -13.58
C PRO B 75 11.38 -17.78 -14.39
N PHE B 76 12.45 -17.91 -15.17
CA PHE B 76 12.71 -19.15 -15.88
C PHE B 76 12.79 -20.32 -14.90
N LEU B 77 13.13 -20.03 -13.65
CA LEU B 77 13.09 -21.05 -12.61
C LEU B 77 12.19 -20.70 -11.45
N ARG B 78 11.79 -19.43 -11.31
CA ARG B 78 10.79 -19.09 -10.30
C ARG B 78 9.49 -19.83 -10.59
N ARG B 79 9.33 -20.28 -11.84
CA ARG B 79 8.21 -21.13 -12.19
C ARG B 79 8.47 -22.59 -11.89
N GLN B 80 9.72 -22.95 -11.54
CA GLN B 80 10.04 -24.37 -11.42
C GLN B 80 9.21 -25.03 -10.33
N ILE B 81 9.04 -24.36 -9.19
CA ILE B 81 8.37 -24.95 -8.04
C ILE B 81 7.37 -23.96 -7.46
N GLY B 82 6.63 -24.43 -6.46
CA GLY B 82 5.60 -23.63 -5.84
C GLY B 82 5.70 -23.64 -4.33
N VAL B 83 5.09 -22.62 -3.72
CA VAL B 83 5.17 -22.40 -2.28
C VAL B 83 3.81 -21.98 -1.74
N VAL B 84 3.73 -21.87 -0.42
CA VAL B 84 2.53 -21.41 0.26
C VAL B 84 2.95 -20.77 1.57
N PHE B 85 2.69 -19.48 1.71
CA PHE B 85 2.97 -18.81 2.97
C PHE B 85 2.03 -19.30 4.06
N GLN B 86 2.55 -19.37 5.28
CA GLN B 86 1.71 -19.69 6.42
C GLN B 86 0.57 -18.69 6.55
N ASN B 87 0.86 -17.43 6.29
CA ASN B 87 -0.18 -16.44 6.02
C ASN B 87 -0.50 -16.47 4.53
N HIS B 88 -1.45 -17.33 4.18
CA HIS B 88 -1.77 -17.59 2.79
C HIS B 88 -2.11 -16.30 2.05
N GLN B 89 -1.44 -16.09 0.93
CA GLN B 89 -1.68 -14.92 0.11
C GLN B 89 -2.99 -15.14 -0.62
N LEU B 90 -4.09 -14.85 0.06
CA LEU B 90 -5.39 -14.89 -0.60
C LEU B 90 -5.56 -13.64 -1.45
N LEU B 91 -5.86 -13.83 -2.74
CA LEU B 91 -6.05 -12.72 -3.65
C LEU B 91 -7.53 -12.39 -3.75
N THR B 92 -7.87 -11.16 -3.45
CA THR B 92 -9.26 -10.71 -3.48
C THR B 92 -9.59 -10.16 -4.86
N ASP B 93 -10.81 -9.68 -4.99
CA ASP B 93 -11.33 -9.03 -6.19
C ASP B 93 -11.42 -9.97 -7.37
N ARG B 94 -11.08 -11.24 -7.20
CA ARG B 94 -11.21 -12.23 -8.26
C ARG B 94 -12.12 -13.32 -7.76
N THR B 95 -12.92 -13.89 -8.66
CA THR B 95 -13.70 -15.06 -8.30
C THR B 95 -12.76 -16.15 -7.84
N VAL B 96 -13.30 -17.07 -7.04
CA VAL B 96 -12.50 -18.17 -6.54
C VAL B 96 -11.79 -18.84 -7.70
N ALA B 97 -12.55 -19.20 -8.73
CA ALA B 97 -11.93 -19.70 -9.95
C ALA B 97 -10.98 -18.66 -10.52
N ASP B 98 -11.45 -17.42 -10.61
CA ASP B 98 -10.61 -16.37 -11.17
C ASP B 98 -9.32 -16.24 -10.38
N ASN B 99 -9.43 -16.10 -9.07
CA ASN B 99 -8.23 -16.07 -8.25
C ASN B 99 -7.45 -17.36 -8.43
N ILE B 100 -8.13 -18.46 -8.73
CA ILE B 100 -7.47 -19.75 -8.85
C ILE B 100 -6.75 -19.81 -10.19
N ALA B 101 -7.07 -18.89 -11.07
CA ALA B 101 -6.47 -18.93 -12.39
C ALA B 101 -5.24 -18.06 -12.51
N LEU B 102 -4.80 -17.44 -11.42
CA LEU B 102 -3.67 -16.53 -11.52
C LEU B 102 -2.47 -17.18 -12.19
N PRO B 103 -2.06 -18.39 -11.82
CA PRO B 103 -0.91 -18.99 -12.51
C PRO B 103 -1.12 -19.09 -14.00
N LEU B 104 -2.36 -19.33 -14.41
CA LEU B 104 -2.64 -19.57 -15.81
C LEU B 104 -2.18 -18.41 -16.67
N GLN B 105 -2.48 -17.19 -16.23
CA GLN B 105 -2.10 -16.03 -17.01
C GLN B 105 -0.61 -16.05 -17.31
N ILE B 106 0.20 -16.40 -16.31
CA ILE B 106 1.63 -16.50 -16.54
C ILE B 106 1.93 -17.52 -17.61
N LEU B 107 1.24 -18.66 -17.55
CA LEU B 107 1.51 -19.71 -18.51
C LEU B 107 1.24 -19.28 -19.94
N GLY B 108 0.11 -18.63 -20.19
CA GLY B 108 -0.23 -18.24 -21.55
C GLY B 108 -0.85 -19.34 -22.38
N MET B 109 -1.30 -20.41 -21.75
CA MET B 109 -1.97 -21.48 -22.47
C MET B 109 -3.36 -21.04 -22.90
N PRO B 110 -3.97 -21.75 -23.85
CA PRO B 110 -5.33 -21.39 -24.26
C PRO B 110 -6.27 -21.45 -23.08
N LYS B 111 -7.19 -20.49 -23.03
CA LYS B 111 -8.09 -20.40 -21.89
C LYS B 111 -8.89 -21.67 -21.71
N PRO B 112 -9.55 -22.21 -22.72
CA PRO B 112 -10.18 -23.52 -22.54
C PRO B 112 -9.18 -24.59 -22.15
N GLU B 113 -7.97 -24.53 -22.73
CA GLU B 113 -6.93 -25.46 -22.33
C GLU B 113 -6.67 -25.36 -20.85
N ILE B 114 -6.76 -24.14 -20.31
CA ILE B 114 -6.57 -23.94 -18.88
C ILE B 114 -7.74 -24.46 -18.06
N ALA B 115 -8.97 -24.29 -18.56
CA ALA B 115 -10.14 -24.56 -17.74
C ALA B 115 -10.19 -26.02 -17.31
N LYS B 116 -9.72 -26.91 -18.17
CA LYS B 116 -9.73 -28.33 -17.83
C LYS B 116 -8.92 -28.58 -16.57
N ARG B 117 -7.63 -28.25 -16.60
CA ARG B 117 -6.81 -28.43 -15.42
C ARG B 117 -7.38 -27.63 -14.25
N VAL B 118 -8.00 -26.50 -14.54
CA VAL B 118 -8.55 -25.66 -13.47
C VAL B 118 -9.58 -26.45 -12.68
N ALA B 119 -10.54 -27.05 -13.37
CA ALA B 119 -11.48 -27.91 -12.68
C ALA B 119 -10.78 -29.09 -12.05
N SER B 120 -9.73 -29.59 -12.72
CA SER B 120 -9.00 -30.73 -12.19
C SER B 120 -8.52 -30.44 -10.78
N ALA B 121 -8.04 -29.23 -10.55
CA ALA B 121 -7.60 -28.90 -9.20
C ALA B 121 -8.77 -28.86 -8.23
N LEU B 122 -9.83 -28.13 -8.58
CA LEU B 122 -10.95 -28.02 -7.67
C LEU B 122 -11.43 -29.39 -7.24
N GLU B 123 -11.33 -30.34 -8.15
CA GLU B 123 -11.58 -31.73 -7.77
C GLU B 123 -10.45 -32.29 -6.93
N ARG B 124 -9.20 -31.93 -7.23
CA ARG B 124 -8.08 -32.54 -6.54
C ARG B 124 -8.14 -32.27 -5.05
N VAL B 125 -8.41 -31.03 -4.68
CA VAL B 125 -8.77 -30.71 -3.31
C VAL B 125 -10.21 -31.06 -3.02
N ASN B 126 -10.96 -31.50 -4.03
CA ASN B 126 -12.38 -31.75 -3.89
C ASN B 126 -13.09 -30.49 -3.41
N LEU B 127 -12.46 -29.36 -3.64
CA LEU B 127 -12.95 -28.13 -3.04
C LEU B 127 -14.04 -27.51 -3.88
N LYS B 128 -15.05 -26.99 -3.19
CA LYS B 128 -16.05 -26.06 -3.73
C LYS B 128 -16.80 -25.47 -2.54
N GLU B 129 -17.33 -24.25 -2.73
CA GLU B 129 -18.21 -23.60 -1.76
C GLU B 129 -17.54 -23.32 -0.41
N LYS B 130 -16.55 -22.40 -0.37
CA LYS B 130 -15.88 -22.06 0.89
C LYS B 130 -16.67 -21.01 1.69
N GLY B 131 -17.20 -20.00 1.03
CA GLY B 131 -18.08 -19.05 1.71
C GLY B 131 -18.72 -18.09 0.75
N GLU B 132 -19.26 -17.01 1.30
CA GLU B 132 -20.33 -16.28 0.63
C GLU B 132 -19.89 -15.51 -0.61
N ALA B 133 -18.69 -14.92 -0.62
CA ALA B 133 -18.28 -14.03 -1.70
C ALA B 133 -17.16 -14.64 -2.55
N LEU B 134 -17.28 -15.92 -2.88
CA LEU B 134 -16.28 -16.63 -3.66
C LEU B 134 -14.97 -16.47 -2.90
N PRO B 135 -13.99 -15.79 -3.49
CA PRO B 135 -12.76 -15.55 -2.74
C PRO B 135 -13.01 -14.90 -1.40
N SER B 136 -13.93 -13.94 -1.33
CA SER B 136 -13.97 -13.08 -0.17
C SER B 136 -14.54 -13.80 1.05
N ASP B 137 -15.82 -14.13 1.02
CA ASP B 137 -16.44 -14.58 2.26
C ASP B 137 -16.29 -16.07 2.51
N LEU B 138 -15.16 -16.64 2.10
CA LEU B 138 -14.92 -18.07 2.11
C LEU B 138 -14.85 -18.62 3.53
N SER B 139 -14.59 -19.93 3.61
CA SER B 139 -14.22 -20.57 4.87
C SER B 139 -12.71 -20.61 4.94
N THR B 140 -12.19 -20.20 6.09
CA THR B 140 -10.76 -19.97 6.22
C THR B 140 -9.95 -21.16 5.75
N GLY B 141 -10.12 -22.31 6.40
CA GLY B 141 -9.38 -23.48 5.97
C GLY B 141 -9.73 -23.83 4.54
N GLN B 142 -10.99 -23.72 4.18
CA GLN B 142 -11.34 -23.86 2.80
C GLN B 142 -10.70 -22.78 1.97
N GLN B 143 -10.62 -21.55 2.45
CA GLN B 143 -9.79 -20.57 1.76
C GLN B 143 -8.34 -21.01 1.78
N GLN B 144 -7.89 -21.52 2.91
CA GLN B 144 -6.55 -22.06 2.96
C GLN B 144 -6.40 -23.20 1.98
N ARG B 145 -7.39 -24.09 1.94
CA ARG B 145 -7.34 -25.17 0.98
C ARG B 145 -7.23 -24.63 -0.42
N VAL B 146 -7.92 -23.53 -0.67
CA VAL B 146 -7.87 -22.90 -1.97
C VAL B 146 -6.45 -22.47 -2.28
N GLY B 147 -5.81 -21.82 -1.32
CA GLY B 147 -4.42 -21.45 -1.53
C GLY B 147 -3.59 -22.69 -1.80
N ILE B 148 -3.87 -23.76 -1.08
CA ILE B 148 -3.16 -25.01 -1.28
C ILE B 148 -3.29 -25.42 -2.72
N ALA B 149 -4.49 -25.34 -3.26
CA ALA B 149 -4.70 -25.70 -4.64
C ALA B 149 -3.95 -24.76 -5.56
N ARG B 150 -3.99 -23.48 -5.26
CA ARG B 150 -3.26 -22.52 -6.05
C ARG B 150 -1.83 -22.98 -6.22
N ALA B 151 -1.24 -23.41 -5.11
CA ALA B 151 0.05 -24.05 -5.21
C ALA B 151 -0.03 -25.29 -6.08
N ILE B 152 -1.07 -26.08 -5.88
CA ILE B 152 -1.18 -27.34 -6.60
C ILE B 152 -1.25 -27.08 -8.08
N VAL B 153 -1.65 -25.87 -8.46
CA VAL B 153 -1.73 -25.55 -9.87
C VAL B 153 -0.36 -25.75 -10.51
N HIS B 154 -0.38 -25.88 -11.82
CA HIS B 154 0.80 -26.00 -12.69
C HIS B 154 1.53 -27.31 -12.52
N GLN B 155 1.03 -28.20 -11.67
CA GLN B 155 1.70 -29.47 -11.42
C GLN B 155 3.17 -29.18 -11.16
N PRO B 156 3.48 -28.39 -10.14
CA PRO B 156 4.87 -27.98 -9.93
C PRO B 156 5.75 -29.19 -9.69
N ALA B 157 7.02 -29.05 -10.08
CA ALA B 157 7.96 -30.14 -9.93
C ALA B 157 8.12 -30.53 -8.46
N LEU B 158 8.21 -29.53 -7.58
CA LEU B 158 8.34 -29.80 -6.15
C LEU B 158 7.51 -28.78 -5.39
N LEU B 159 7.06 -29.18 -4.20
CA LEU B 159 6.22 -28.32 -3.39
C LEU B 159 7.00 -27.79 -2.20
N LEU B 160 6.44 -26.76 -1.58
CA LEU B 160 7.02 -26.19 -0.38
C LEU B 160 5.99 -25.31 0.29
N ALA B 161 6.09 -25.20 1.61
CA ALA B 161 5.20 -24.34 2.37
C ALA B 161 5.70 -24.30 3.79
N ASP B 162 5.53 -23.14 4.42
CA ASP B 162 6.06 -22.90 5.74
C ASP B 162 4.91 -22.80 6.70
N GLU B 163 5.04 -23.47 7.85
CA GLU B 163 4.06 -23.40 8.93
C GLU B 163 2.65 -23.49 8.35
N PRO B 164 2.42 -24.37 7.40
CA PRO B 164 1.07 -24.53 6.88
C PRO B 164 0.12 -24.85 8.02
N THR B 165 -1.13 -24.46 7.87
CA THR B 165 -2.12 -24.59 8.92
C THR B 165 -1.69 -23.85 10.17
N GLY B 166 -0.85 -22.83 9.99
CA GLY B 166 -0.34 -22.11 11.14
C GLY B 166 -1.45 -21.64 12.05
N ASN B 167 -2.58 -21.25 11.46
CA ASN B 167 -3.71 -20.79 12.25
C ASN B 167 -4.77 -21.86 12.46
N LEU B 168 -4.55 -23.09 12.00
CA LEU B 168 -5.65 -24.04 11.95
C LEU B 168 -6.00 -24.57 13.35
N ASP B 169 -7.25 -25.02 13.48
CA ASP B 169 -7.61 -25.79 14.65
C ASP B 169 -6.98 -27.16 14.55
N PRO B 170 -6.81 -27.84 15.70
CA PRO B 170 -6.11 -29.12 15.66
C PRO B 170 -6.72 -30.11 14.69
N ARG B 171 -8.04 -30.26 14.70
CA ARG B 171 -8.67 -31.12 13.71
C ARG B 171 -8.46 -30.57 12.32
N LEU B 172 -8.63 -29.27 12.17
CA LEU B 172 -8.37 -28.65 10.87
C LEU B 172 -6.92 -28.81 10.49
N ALA B 173 -6.02 -28.65 11.46
CA ALA B 173 -4.61 -28.87 11.18
C ALA B 173 -4.38 -30.27 10.67
N SER B 174 -5.00 -31.24 11.32
CA SER B 174 -4.86 -32.62 10.90
C SER B 174 -5.38 -32.79 9.49
N GLU B 175 -6.50 -32.17 9.19
CA GLU B 175 -7.04 -32.27 7.85
C GLU B 175 -6.05 -31.73 6.84
N ILE B 176 -5.46 -30.59 7.13
CA ILE B 176 -4.48 -30.02 6.22
C ILE B 176 -3.31 -30.96 6.06
N MET B 177 -2.89 -31.56 7.17
CA MET B 177 -1.79 -32.51 7.10
C MET B 177 -2.15 -33.65 6.16
N GLY B 178 -3.36 -34.17 6.29
CA GLY B 178 -3.77 -35.25 5.43
C GLY B 178 -3.83 -34.81 3.99
N VAL B 179 -4.23 -33.57 3.77
CA VAL B 179 -4.20 -33.03 2.43
C VAL B 179 -2.78 -33.11 1.89
N PHE B 180 -1.83 -32.69 2.70
CA PHE B 180 -0.44 -32.80 2.31
C PHE B 180 -0.07 -34.25 2.11
N GLU B 181 -0.64 -35.12 2.92
CA GLU B 181 -0.34 -36.54 2.79
C GLU B 181 -0.76 -37.03 1.42
N ASP B 182 -1.95 -36.66 1.00
CA ASP B 182 -2.40 -36.98 -0.34
C ASP B 182 -1.49 -36.34 -1.36
N ILE B 183 -1.03 -35.13 -1.07
CA ILE B 183 -0.12 -34.47 -1.99
C ILE B 183 1.10 -35.33 -2.22
N ASN B 184 1.65 -35.87 -1.14
CA ASN B 184 2.74 -36.82 -1.26
C ASN B 184 2.29 -38.11 -1.91
N ARG B 185 1.00 -38.46 -1.78
CA ARG B 185 0.49 -39.62 -2.47
C ARG B 185 0.64 -39.44 -3.97
N LEU B 186 0.50 -38.21 -4.46
CA LEU B 186 1.19 -37.86 -5.68
C LEU B 186 2.68 -37.84 -5.39
N GLY B 187 3.44 -38.57 -6.19
CA GLY B 187 4.81 -38.85 -5.81
C GLY B 187 5.65 -37.59 -5.84
N THR B 188 5.42 -36.71 -4.88
CA THR B 188 5.94 -35.36 -4.96
C THR B 188 6.97 -35.14 -3.87
N THR B 189 8.11 -34.60 -4.27
CA THR B 189 9.10 -34.13 -3.33
C THR B 189 8.59 -32.85 -2.69
N VAL B 190 7.91 -32.99 -1.56
CA VAL B 190 7.26 -31.87 -0.90
C VAL B 190 7.83 -31.74 0.50
N LEU B 191 8.29 -30.54 0.84
CA LEU B 191 8.82 -30.26 2.17
C LEU B 191 7.74 -29.63 3.05
N ILE B 192 8.10 -29.39 4.30
CA ILE B 192 7.18 -28.80 5.26
C ILE B 192 7.99 -28.08 6.32
N ALA B 193 7.34 -27.17 7.02
CA ALA B 193 8.01 -26.44 8.09
C ALA B 193 7.00 -26.21 9.21
N SER B 194 7.50 -26.11 10.44
CA SER B 194 6.60 -26.00 11.57
C SER B 194 7.28 -25.31 12.75
N HIS B 195 6.49 -24.58 13.52
CA HIS B 195 6.99 -24.03 14.78
C HIS B 195 7.13 -25.14 15.82
N ASP B 196 6.15 -26.02 15.91
CA ASP B 196 6.13 -27.15 16.83
C ASP B 196 5.95 -28.44 16.05
N LEU B 197 5.89 -29.57 16.76
CA LEU B 197 5.81 -30.88 16.12
C LEU B 197 4.83 -31.83 16.80
N ALA B 198 3.96 -31.31 17.68
CA ALA B 198 3.07 -32.19 18.43
C ALA B 198 2.31 -33.10 17.49
N LEU B 199 1.67 -32.53 16.47
CA LEU B 199 1.09 -33.36 15.43
C LEU B 199 2.17 -34.02 14.60
N ILE B 200 3.23 -33.27 14.27
CA ILE B 200 4.28 -33.82 13.43
C ILE B 200 4.89 -35.04 14.08
N ALA B 201 4.74 -35.18 15.39
CA ALA B 201 5.10 -36.42 16.05
C ALA B 201 4.37 -37.59 15.41
N ARG B 202 3.05 -37.47 15.25
CA ARG B 202 2.31 -38.51 14.55
C ARG B 202 2.85 -38.71 13.14
N MET B 203 3.30 -37.63 12.51
CA MET B 203 3.90 -37.74 11.19
C MET B 203 5.17 -38.56 11.32
N ARG B 204 5.07 -39.85 11.00
CA ARG B 204 6.20 -40.76 11.12
C ARG B 204 7.11 -40.53 9.92
N HIS B 205 7.85 -39.43 9.97
CA HIS B 205 8.72 -39.05 8.89
C HIS B 205 9.96 -38.34 9.43
N ARG B 206 10.99 -38.25 8.61
CA ARG B 206 12.25 -37.62 9.02
C ARG B 206 12.03 -36.17 9.39
N MET B 207 12.60 -35.75 10.52
CA MET B 207 12.50 -34.38 11.00
C MET B 207 13.87 -33.88 11.41
N LEU B 208 14.12 -32.59 11.23
CA LEU B 208 15.42 -31.98 11.51
C LEU B 208 15.23 -30.65 12.23
N THR B 209 16.21 -30.29 13.07
CA THR B 209 16.25 -29.00 13.74
C THR B 209 17.68 -28.48 13.76
N LEU B 210 17.81 -27.16 13.82
CA LEU B 210 19.11 -26.49 13.83
C LEU B 210 19.30 -25.75 15.14
N GLN B 211 20.49 -25.88 15.72
CA GLN B 211 20.75 -25.33 17.04
C GLN B 211 20.95 -23.81 16.95
N ARG B 212 19.85 -23.13 16.60
CA ARG B 212 19.80 -21.68 16.61
C ARG B 212 20.96 -21.08 15.84
N GLY B 213 21.00 -21.38 14.54
CA GLY B 213 22.05 -20.93 13.65
C GLY B 213 23.07 -22.02 13.35
N ARG B 214 23.14 -23.02 14.21
CA ARG B 214 24.02 -24.14 13.93
C ARG B 214 23.53 -24.89 12.72
N ILE B 215 24.41 -25.73 12.17
CA ILE B 215 24.03 -26.55 11.03
C ILE B 215 22.86 -27.44 11.37
N ILE B 216 22.87 -28.01 12.57
CA ILE B 216 21.78 -28.86 13.00
C ILE B 216 21.78 -28.89 14.52
N ALA B 217 20.59 -28.99 15.08
CA ALA B 217 20.42 -29.43 16.45
C ALA B 217 20.05 -30.90 16.52
N ASP B 218 19.51 -31.44 15.44
CA ASP B 218 18.99 -32.80 15.41
C ASP B 218 19.26 -33.46 14.07
N ARG B 219 19.26 -34.79 14.08
CA ARG B 219 19.32 -35.55 12.84
C ARG B 219 17.92 -35.98 12.41
N GLU B 220 17.82 -36.47 11.18
CA GLU B 220 16.54 -36.92 10.66
C GLU B 220 16.09 -38.20 11.37
N ASP B 221 14.84 -38.23 11.79
CA ASP B 221 14.26 -39.41 12.43
C ASP B 221 13.76 -40.34 11.33
N GLU B 222 14.71 -41.00 10.67
CA GLU B 222 14.41 -41.90 9.57
C GLU B 222 13.59 -43.10 10.04
N SER C 33 -7.06 22.26 24.77
CA SER C 33 -6.95 23.70 24.78
C SER C 33 -6.61 24.24 23.40
N PHE C 34 -7.03 25.47 23.13
CA PHE C 34 -6.64 26.12 21.90
C PHE C 34 -5.13 26.19 21.78
N SER C 35 -4.45 26.42 22.91
CA SER C 35 -2.99 26.46 22.89
C SER C 35 -2.41 25.13 22.47
N ALA C 36 -2.93 24.03 23.02
CA ALA C 36 -2.48 22.71 22.58
C ALA C 36 -2.89 22.47 21.14
N TYR C 37 -4.12 22.86 20.78
CA TYR C 37 -4.57 22.69 19.40
C TYR C 37 -3.62 23.38 18.44
N LEU C 38 -3.04 24.49 18.86
CA LEU C 38 -1.97 25.12 18.12
C LEU C 38 -0.69 24.31 18.20
N GLU C 39 -0.29 23.88 19.40
CA GLU C 39 0.83 22.97 19.50
C GLU C 39 0.56 21.72 18.68
N SER C 40 -0.66 21.21 18.76
CA SER C 40 -1.07 20.16 17.84
C SER C 40 -0.82 20.60 16.41
N HIS C 41 -1.36 21.76 16.06
CA HIS C 41 -1.08 22.30 14.73
C HIS C 41 0.39 22.63 14.59
N ARG C 42 1.01 23.15 15.65
CA ARG C 42 2.42 23.55 15.57
C ARG C 42 3.30 22.34 15.31
N ALA C 43 3.14 21.30 16.11
CA ALA C 43 3.89 20.08 15.86
C ALA C 43 3.48 19.48 14.52
N SER C 44 2.23 19.69 14.13
CA SER C 44 1.81 19.22 12.81
C SER C 44 2.66 19.85 11.74
N LEU C 45 2.83 21.16 11.80
CA LEU C 45 3.68 21.84 10.84
C LEU C 45 5.13 21.42 11.01
N VAL C 46 5.54 21.13 12.24
CA VAL C 46 6.90 20.68 12.48
C VAL C 46 7.15 19.39 11.73
N ASP C 47 6.24 18.43 11.88
CA ASP C 47 6.37 17.17 11.16
C ASP C 47 6.24 17.38 9.67
N SER C 48 5.33 18.26 9.25
CA SER C 48 5.19 18.54 7.84
C SER C 48 6.49 19.09 7.28
N LEU C 49 7.13 19.96 8.03
CA LEU C 49 8.42 20.50 7.61
C LEU C 49 9.46 19.40 7.57
N ARG C 50 9.44 18.52 8.56
CA ARG C 50 10.33 17.38 8.50
C ARG C 50 10.14 16.62 7.21
N ARG C 51 8.88 16.35 6.86
CA ARG C 51 8.57 15.67 5.62
C ARG C 51 9.00 16.49 4.43
N LEU C 52 9.01 17.81 4.58
CA LEU C 52 9.51 18.67 3.52
C LEU C 52 11.00 18.46 3.33
N PHE C 53 11.76 18.64 4.40
CA PHE C 53 13.11 18.11 4.45
C PHE C 53 13.07 16.62 4.16
N GLY C 54 11.99 15.95 4.55
CA GLY C 54 11.81 14.58 4.12
C GLY C 54 11.83 14.50 2.60
N HIS C 55 12.33 13.39 2.11
CA HIS C 55 12.62 13.22 0.69
C HIS C 55 13.44 14.40 0.19
N PRO C 56 14.36 14.92 1.00
CA PRO C 56 15.07 16.15 0.60
C PRO C 56 15.55 16.12 -0.83
N PHE C 57 16.01 14.99 -1.34
CA PHE C 57 16.27 14.86 -2.76
C PHE C 57 14.99 14.60 -3.53
N GLY C 58 14.19 13.63 -3.07
CA GLY C 58 12.91 13.42 -3.70
C GLY C 58 12.03 14.65 -3.60
N SER C 59 11.92 15.22 -2.39
CA SER C 59 11.20 16.46 -2.23
C SER C 59 11.93 17.61 -2.90
N PHE C 60 13.23 17.47 -3.14
CA PHE C 60 13.95 18.50 -3.87
C PHE C 60 13.47 18.57 -5.31
N PHE C 61 13.51 17.43 -6.00
CA PHE C 61 12.97 17.37 -7.34
C PHE C 61 11.48 17.67 -7.34
N THR C 62 10.80 17.31 -6.25
CA THR C 62 9.36 17.49 -6.18
C THR C 62 8.98 18.95 -6.03
N CYS C 63 9.66 19.67 -5.14
CA CYS C 63 9.43 21.10 -5.02
C CYS C 63 9.88 21.82 -6.27
N LEU C 64 10.97 21.35 -6.87
CA LEU C 64 11.35 21.85 -8.18
C LEU C 64 10.19 21.74 -9.14
N VAL C 65 9.56 20.57 -9.17
CA VAL C 65 8.42 20.35 -10.04
C VAL C 65 7.24 21.23 -9.60
N MET C 66 7.09 21.41 -8.29
CA MET C 66 5.96 22.19 -7.80
C MET C 66 6.06 23.63 -8.25
N GLY C 67 7.20 24.25 -7.98
CA GLY C 67 7.43 25.60 -8.48
C GLY C 67 7.39 25.64 -9.99
N ILE C 68 7.86 24.58 -10.64
CA ILE C 68 7.94 24.57 -12.11
C ILE C 68 6.55 24.54 -12.72
N THR C 69 5.69 23.69 -12.19
CA THR C 69 4.32 23.63 -12.64
C THR C 69 3.63 24.96 -12.36
N LEU C 70 3.89 25.54 -11.19
CA LEU C 70 3.31 26.85 -10.91
C LEU C 70 3.75 27.87 -11.95
N SER C 71 5.04 27.88 -12.26
CA SER C 71 5.57 28.84 -13.22
C SER C 71 4.94 28.65 -14.58
N LEU C 72 4.96 27.42 -15.08
CA LEU C 72 4.18 27.12 -16.28
C LEU C 72 2.77 27.61 -16.10
N PRO C 73 2.11 27.41 -14.96
CA PRO C 73 0.75 27.93 -14.81
C PRO C 73 0.69 29.44 -14.67
N MET C 74 1.55 30.04 -13.85
CA MET C 74 1.35 31.44 -13.55
C MET C 74 1.62 32.35 -14.75
N GLY C 75 2.34 31.87 -15.76
CA GLY C 75 2.71 32.73 -16.86
C GLY C 75 1.50 33.25 -17.62
N LEU C 76 0.50 32.40 -17.80
CA LEU C 76 -0.72 32.85 -18.44
C LEU C 76 -1.42 33.92 -17.61
N SER C 77 -1.61 33.66 -16.31
CA SER C 77 -2.25 34.64 -15.47
C SER C 77 -1.48 35.95 -15.46
N LEU C 78 -0.17 35.87 -15.67
CA LEU C 78 0.68 37.04 -15.72
C LEU C 78 0.52 37.82 -17.02
N LEU C 79 0.41 37.11 -18.14
CA LEU C 79 0.27 37.80 -19.42
C LEU C 79 -0.97 38.69 -19.45
N LEU C 80 -1.94 38.43 -18.59
CA LEU C 80 -3.11 39.29 -18.50
C LEU C 80 -2.72 40.70 -18.12
N ASN C 81 -1.92 40.84 -17.05
CA ASN C 81 -1.45 42.17 -16.68
C ASN C 81 -0.54 42.74 -17.76
N ASN C 82 0.20 41.87 -18.46
CA ASN C 82 1.05 42.34 -19.54
C ASN C 82 0.23 43.05 -20.60
N VAL C 83 -0.88 42.44 -21.00
CA VAL C 83 -1.77 43.09 -21.94
C VAL C 83 -2.40 44.34 -21.33
N GLU C 84 -2.82 44.24 -20.06
CA GLU C 84 -3.53 45.34 -19.43
C GLU C 84 -2.68 46.60 -19.40
N ARG C 85 -1.40 46.45 -19.07
CA ARG C 85 -0.47 47.57 -19.06
C ARG C 85 0.15 47.84 -20.42
N LEU C 86 -0.06 46.95 -21.39
CA LEU C 86 0.40 47.24 -22.75
C LEU C 86 -0.29 48.48 -23.30
N GLY C 87 -1.52 48.73 -22.86
CA GLY C 87 -2.24 49.93 -23.25
C GLY C 87 -2.26 50.98 -22.17
N ASP C 190 1.26 54.19 -37.11
CA ASP C 190 0.33 54.94 -37.94
C ASP C 190 -1.09 54.86 -37.40
N LEU C 191 -2.08 55.09 -38.26
CA LEU C 191 -3.48 55.05 -37.85
C LEU C 191 -4.28 53.96 -38.56
N VAL C 192 -3.66 53.20 -39.46
CA VAL C 192 -4.39 52.15 -40.17
C VAL C 192 -4.90 51.11 -39.18
N TRP C 193 -4.05 50.70 -38.24
CA TRP C 193 -4.47 49.75 -37.22
C TRP C 193 -4.94 50.44 -35.93
N VAL C 194 -4.97 51.77 -35.89
CA VAL C 194 -5.37 52.46 -34.67
C VAL C 194 -6.84 52.19 -34.36
N GLU C 195 -7.70 52.25 -35.37
CA GLU C 195 -9.11 51.94 -35.15
C GLU C 195 -9.29 50.50 -34.69
N ARG C 196 -8.52 49.58 -35.28
CA ARG C 196 -8.58 48.19 -34.84
C ARG C 196 -8.15 48.04 -33.39
N LEU C 197 -7.11 48.76 -32.99
CA LEU C 197 -6.66 48.73 -31.61
C LEU C 197 -7.75 49.24 -30.69
N SER C 198 -8.44 50.31 -31.07
CA SER C 198 -9.56 50.80 -30.28
C SER C 198 -10.64 49.74 -30.18
N ALA C 199 -10.92 49.06 -31.28
CA ALA C 199 -11.98 48.03 -31.27
C ALA C 199 -11.60 46.83 -30.42
N ILE C 200 -10.31 46.51 -30.34
CA ILE C 200 -9.89 45.29 -29.63
C ILE C 200 -10.23 45.36 -28.16
N LEU C 201 -10.73 46.51 -27.69
CA LEU C 201 -11.14 46.65 -26.30
C LEU C 201 -12.17 45.58 -25.95
N LYS C 202 -11.95 44.92 -24.82
CA LYS C 202 -12.86 43.92 -24.27
C LYS C 202 -13.00 42.71 -25.19
N LEU C 203 -12.27 42.71 -26.31
CA LEU C 203 -12.38 41.63 -27.27
C LEU C 203 -11.67 40.38 -26.77
N GLY C 204 -10.36 40.46 -26.58
CA GLY C 204 -9.63 39.36 -25.99
C GLY C 204 -9.80 39.26 -24.49
N GLU C 205 -10.53 40.20 -23.90
CA GLU C 205 -10.70 40.20 -22.45
C GLU C 205 -11.29 38.89 -21.96
N ARG C 206 -12.33 38.41 -22.62
CA ARG C 206 -12.85 37.09 -22.29
C ARG C 206 -11.83 36.01 -22.63
N PHE C 207 -11.07 36.20 -23.70
CA PHE C 207 -10.14 35.18 -24.17
C PHE C 207 -9.12 34.80 -23.12
N VAL C 208 -8.89 35.68 -22.15
CA VAL C 208 -8.03 35.38 -21.01
C VAL C 208 -8.87 35.16 -19.76
N PHE C 209 -9.98 35.87 -19.63
CA PHE C 209 -10.82 35.73 -18.44
C PHE C 209 -11.25 34.29 -18.26
N GLY C 210 -11.64 33.63 -19.35
CA GLY C 210 -11.90 32.20 -19.26
C GLY C 210 -10.64 31.37 -19.17
N LEU C 211 -9.64 31.67 -20.03
CA LEU C 211 -8.46 30.83 -20.14
C LEU C 211 -7.72 30.68 -18.82
N THR C 212 -7.71 31.70 -17.98
CA THR C 212 -7.10 31.58 -16.67
C THR C 212 -7.83 30.55 -15.82
N ILE C 213 -9.15 30.60 -15.81
CA ILE C 213 -9.91 29.68 -14.99
C ILE C 213 -9.62 28.24 -15.37
N LEU C 214 -9.38 27.98 -16.66
CA LEU C 214 -9.14 26.60 -17.09
C LEU C 214 -7.94 26.01 -16.39
N LEU C 215 -6.79 26.68 -16.47
CA LEU C 215 -5.59 26.12 -15.88
C LEU C 215 -5.70 25.98 -14.37
N VAL C 216 -6.59 26.75 -13.74
CA VAL C 216 -6.79 26.60 -12.31
C VAL C 216 -7.22 25.17 -12.00
N LEU C 217 -8.07 24.62 -12.85
CA LEU C 217 -8.49 23.25 -12.65
C LEU C 217 -7.29 22.32 -12.69
N THR C 218 -6.42 22.48 -13.69
CA THR C 218 -5.26 21.62 -13.79
C THR C 218 -4.37 21.77 -12.57
N LEU C 219 -4.28 22.99 -12.04
CA LEU C 219 -3.51 23.19 -10.82
C LEU C 219 -4.08 22.36 -9.69
N LEU C 220 -5.39 22.44 -9.49
CA LEU C 220 -6.02 21.60 -8.48
C LEU C 220 -5.70 20.15 -8.74
N LEU C 221 -5.70 19.75 -10.01
CA LEU C 221 -5.49 18.35 -10.35
C LEU C 221 -4.11 17.88 -9.92
N VAL C 222 -3.08 18.64 -10.27
CA VAL C 222 -1.73 18.23 -9.89
C VAL C 222 -1.59 18.22 -8.39
N VAL C 223 -2.19 19.20 -7.71
CA VAL C 223 -2.10 19.24 -6.26
C VAL C 223 -2.68 17.97 -5.66
N GLY C 224 -3.88 17.61 -6.10
CA GLY C 224 -4.49 16.39 -5.60
C GLY C 224 -3.67 15.16 -5.92
N ASN C 225 -3.12 15.10 -7.13
CA ASN C 225 -2.34 13.93 -7.51
C ASN C 225 -1.16 13.76 -6.57
N THR C 226 -0.38 14.82 -6.37
CA THR C 226 0.78 14.72 -5.50
C THR C 226 0.35 14.40 -4.08
N ILE C 227 -0.70 15.06 -3.60
CA ILE C 227 -1.12 14.86 -2.23
C ILE C 227 -1.52 13.41 -2.01
N ARG C 228 -2.30 12.87 -2.93
CA ARG C 228 -2.72 11.49 -2.80
C ARG C 228 -1.53 10.56 -2.87
N LEU C 229 -0.58 10.84 -3.76
CA LEU C 229 0.59 9.98 -3.85
C LEU C 229 1.31 9.92 -2.52
N HIS C 230 1.56 11.09 -1.92
CA HIS C 230 2.21 11.10 -0.62
C HIS C 230 1.37 10.36 0.41
N ILE C 231 0.07 10.63 0.43
CA ILE C 231 -0.79 10.08 1.47
C ILE C 231 -0.82 8.56 1.40
N GLU C 232 -0.83 8.01 0.18
CA GLU C 232 -0.88 6.57 0.04
C GLU C 232 0.34 5.92 0.68
N ASN C 233 1.49 6.56 0.58
CA ASN C 233 2.64 6.09 1.31
C ASN C 233 2.33 6.14 2.80
N ARG C 234 2.84 5.16 3.54
CA ARG C 234 2.71 5.11 4.99
C ARG C 234 1.25 4.98 5.41
N ARG C 235 0.43 4.45 4.50
CA ARG C 235 -0.94 4.15 4.87
C ARG C 235 -0.98 3.17 6.03
N ASN C 236 -0.17 2.13 5.96
CA ASN C 236 -0.13 1.14 7.03
C ASN C 236 0.18 1.81 8.35
N GLU C 237 1.14 2.72 8.36
CA GLU C 237 1.36 3.51 9.56
C GLU C 237 0.08 4.23 9.96
N ILE C 238 -0.55 4.90 9.01
CA ILE C 238 -1.82 5.55 9.31
C ILE C 238 -2.83 4.52 9.77
N GLU C 239 -2.77 3.33 9.20
CA GLU C 239 -3.68 2.28 9.63
C GLU C 239 -3.53 2.03 11.12
N VAL C 240 -2.30 1.82 11.56
CA VAL C 240 -2.06 1.57 12.97
C VAL C 240 -2.49 2.77 13.79
N ILE C 241 -2.22 3.95 13.26
CA ILE C 241 -2.61 5.16 13.96
C ILE C 241 -4.11 5.12 14.24
N LYS C 242 -4.88 4.84 13.20
CA LYS C 242 -6.31 4.67 13.38
C LYS C 242 -6.58 3.59 14.41
N LEU C 243 -5.80 2.52 14.36
CA LEU C 243 -6.03 1.40 15.26
C LEU C 243 -5.99 1.87 16.70
N VAL C 244 -4.98 2.64 17.06
CA VAL C 244 -4.95 3.20 18.41
C VAL C 244 -6.14 4.11 18.62
N GLY C 245 -6.43 4.95 17.64
CA GLY C 245 -7.46 5.97 17.76
C GLY C 245 -7.24 6.98 16.67
N GLY C 246 -7.68 8.20 16.92
CA GLY C 246 -7.24 9.26 16.02
C GLY C 246 -8.13 10.47 16.02
N THR C 247 -7.67 11.48 15.29
CA THR C 247 -8.48 12.65 14.99
C THR C 247 -8.26 12.99 13.53
N ASP C 248 -9.35 13.40 12.87
CA ASP C 248 -9.22 13.87 11.50
C ASP C 248 -8.15 14.93 11.42
N GLY C 249 -8.17 15.88 12.34
CA GLY C 249 -7.08 16.80 12.42
C GLY C 249 -5.75 16.16 12.68
N TYR C 250 -5.70 15.18 13.60
CA TYR C 250 -4.47 14.41 13.77
C TYR C 250 -4.03 13.81 12.45
N VAL C 251 -4.99 13.39 11.63
CA VAL C 251 -4.67 12.98 10.28
C VAL C 251 -4.47 14.20 9.38
N ARG C 252 -5.45 15.11 9.37
CA ARG C 252 -5.49 16.13 8.32
C ARG C 252 -4.28 17.02 8.36
N ARG C 253 -3.99 17.60 9.52
CA ARG C 253 -2.99 18.66 9.59
C ARG C 253 -1.67 18.22 9.00
N PRO C 254 -1.19 17.01 9.26
CA PRO C 254 0.11 16.62 8.70
C PRO C 254 0.16 16.76 7.19
N PHE C 255 -0.95 16.52 6.52
CA PHE C 255 -0.95 16.66 5.08
C PHE C 255 -1.41 18.05 4.65
N LEU C 256 -2.37 18.62 5.39
CA LEU C 256 -2.93 19.91 4.98
C LEU C 256 -1.87 20.99 5.03
N TYR C 257 -1.09 21.02 6.11
CA TYR C 257 0.00 21.97 6.17
C TYR C 257 0.98 21.75 5.04
N MET C 258 1.26 20.49 4.72
CA MET C 258 2.22 20.18 3.66
C MET C 258 1.74 20.74 2.33
N GLY C 259 0.46 20.55 2.03
CA GLY C 259 -0.08 21.07 0.79
C GLY C 259 -0.04 22.58 0.73
N ALA C 260 -0.46 23.22 1.83
CA ALA C 260 -0.44 24.68 1.85
C ALA C 260 0.96 25.20 1.61
N LEU C 261 1.95 24.56 2.24
CA LEU C 261 3.32 25.01 2.09
C LEU C 261 3.81 24.84 0.66
N TYR C 262 3.57 23.66 0.06
CA TYR C 262 4.04 23.45 -1.30
C TYR C 262 3.44 24.50 -2.23
N GLY C 263 2.13 24.74 -2.09
CA GLY C 263 1.49 25.73 -2.92
C GLY C 263 2.05 27.12 -2.72
N LEU C 264 2.20 27.53 -1.47
CA LEU C 264 2.68 28.88 -1.19
C LEU C 264 4.07 29.08 -1.76
N GLY C 265 4.95 28.10 -1.60
CA GLY C 265 6.28 28.23 -2.12
C GLY C 265 6.29 28.36 -3.63
N ALA C 266 5.55 27.50 -4.32
CA ALA C 266 5.51 27.60 -5.77
C ALA C 266 4.97 28.95 -6.21
N GLY C 267 3.91 29.42 -5.56
CA GLY C 267 3.31 30.70 -5.95
C GLY C 267 4.26 31.86 -5.74
N ILE C 268 5.00 31.86 -4.64
CA ILE C 268 5.98 32.91 -4.42
C ILE C 268 7.04 32.86 -5.50
N LEU C 269 7.51 31.66 -5.83
CA LEU C 269 8.47 31.53 -6.92
C LEU C 269 7.93 32.14 -8.19
N SER C 270 6.62 32.04 -8.39
CA SER C 270 6.03 32.65 -9.58
C SER C 270 6.19 34.17 -9.56
N TRP C 271 5.77 34.81 -8.46
CA TRP C 271 5.87 36.26 -8.37
C TRP C 271 7.31 36.71 -8.52
N ALA C 272 8.23 35.87 -8.07
CA ALA C 272 9.64 36.20 -8.25
C ALA C 272 10.04 36.13 -9.71
N LEU C 273 9.87 34.97 -10.34
CA LEU C 273 10.38 34.75 -11.69
C LEU C 273 9.70 35.63 -12.71
N LEU C 274 8.53 36.17 -12.37
CA LEU C 274 7.84 37.05 -13.31
C LEU C 274 8.73 38.21 -13.74
N ALA C 275 9.30 38.93 -12.78
CA ALA C 275 10.13 40.07 -13.13
C ALA C 275 11.40 39.66 -13.86
N TYR C 276 11.96 38.50 -13.49
CA TYR C 276 13.16 38.04 -14.16
C TYR C 276 12.90 37.81 -15.64
N SER C 277 11.77 37.18 -15.94
CA SER C 277 11.37 37.05 -17.33
C SER C 277 11.12 38.42 -17.94
N LEU C 278 10.50 39.31 -17.18
CA LEU C 278 10.18 40.64 -17.70
C LEU C 278 11.44 41.36 -18.15
N ASN C 279 12.52 41.25 -17.37
CA ASN C 279 13.79 41.85 -17.74
C ASN C 279 14.43 41.11 -18.90
N TRP C 280 14.47 39.77 -18.84
CA TRP C 280 15.09 39.01 -19.91
C TRP C 280 14.42 39.28 -21.24
N LEU C 281 13.19 39.75 -21.21
CA LEU C 281 12.47 40.14 -22.41
C LEU C 281 12.65 41.62 -22.75
N ASN C 282 12.31 42.52 -21.83
CA ASN C 282 12.53 43.94 -22.06
C ASN C 282 14.01 44.26 -22.18
N GLY C 283 14.88 43.35 -21.75
CA GLY C 283 16.28 43.47 -22.11
C GLY C 283 16.46 43.51 -23.61
N SER C 284 15.58 42.86 -24.35
CA SER C 284 15.55 43.00 -25.80
C SER C 284 14.65 44.16 -26.18
N LEU C 298 9.56 45.52 -19.09
CA LEU C 298 9.79 44.77 -17.86
C LEU C 298 9.06 45.43 -16.71
N GLN C 299 8.36 44.63 -15.91
CA GLN C 299 7.59 45.15 -14.78
C GLN C 299 7.69 44.20 -13.59
N GLY C 300 7.81 44.77 -12.40
CA GLY C 300 7.72 43.97 -11.19
C GLY C 300 6.30 43.72 -10.77
N VAL C 301 6.15 42.85 -9.78
CA VAL C 301 4.82 42.56 -9.23
C VAL C 301 4.33 43.77 -8.45
N PRO C 302 3.15 44.31 -8.76
CA PRO C 302 2.57 45.32 -7.89
C PRO C 302 2.25 44.73 -6.53
N LEU C 303 2.27 45.58 -5.51
CA LEU C 303 2.12 45.09 -4.15
C LEU C 303 0.80 44.38 -3.97
N ASP C 304 -0.30 44.96 -4.46
CA ASP C 304 -1.59 44.29 -4.35
C ASP C 304 -1.57 42.98 -5.12
N ASP C 305 -0.92 42.97 -6.28
CA ASP C 305 -0.83 41.75 -7.08
C ASP C 305 -0.02 40.68 -6.36
N GLY C 306 1.17 41.05 -5.86
CA GLY C 306 1.95 40.08 -5.10
C GLY C 306 1.18 39.57 -3.89
N LEU C 307 0.32 40.42 -3.33
CA LEU C 307 -0.51 40.00 -2.20
C LEU C 307 -1.46 38.88 -2.60
N SER C 308 -2.13 39.02 -3.75
CA SER C 308 -3.04 37.97 -4.17
C SER C 308 -2.30 36.72 -4.65
N LEU C 309 -0.98 36.83 -4.87
CA LEU C 309 -0.23 35.73 -5.46
C LEU C 309 -0.25 34.48 -4.58
N THR C 310 -0.53 34.63 -3.30
CA THR C 310 -0.50 33.50 -2.38
C THR C 310 -1.85 32.83 -2.21
N VAL C 311 -2.94 33.46 -2.64
CA VAL C 311 -4.26 33.00 -2.20
C VAL C 311 -4.56 31.60 -2.72
N GLY C 312 -4.37 31.38 -4.02
CA GLY C 312 -4.71 30.08 -4.58
C GLY C 312 -3.78 29.03 -4.02
N ALA C 313 -2.52 29.43 -3.87
CA ALA C 313 -1.59 28.60 -3.13
C ALA C 313 -2.15 28.24 -1.77
N VAL C 314 -2.62 29.26 -1.04
CA VAL C 314 -3.36 29.00 0.18
C VAL C 314 -4.63 28.22 -0.14
N LEU C 315 -5.32 28.61 -1.20
CA LEU C 315 -6.54 27.90 -1.57
C LEU C 315 -6.24 26.45 -1.89
N LEU C 316 -5.14 26.20 -2.61
CA LEU C 316 -4.77 24.83 -2.89
C LEU C 316 -4.54 24.06 -1.60
N GLY C 317 -3.67 24.59 -0.73
CA GLY C 317 -3.36 23.88 0.48
C GLY C 317 -4.51 23.81 1.46
N TRP C 318 -5.59 24.53 1.20
CA TRP C 318 -6.78 24.43 2.02
C TRP C 318 -7.82 23.47 1.45
N VAL C 319 -7.87 23.32 0.13
CA VAL C 319 -8.97 22.62 -0.51
C VAL C 319 -8.49 21.41 -1.31
N GLY C 320 -7.49 21.59 -2.17
CA GLY C 320 -7.08 20.50 -3.04
C GLY C 320 -6.70 19.28 -2.25
N ALA C 321 -6.03 19.49 -1.13
CA ALA C 321 -5.88 18.41 -0.16
C ALA C 321 -7.20 17.93 0.38
N TRP C 322 -8.08 18.85 0.77
CA TRP C 322 -9.40 18.42 1.25
C TRP C 322 -10.11 17.60 0.20
N LEU C 323 -9.78 17.80 -1.07
CA LEU C 323 -10.31 16.92 -2.09
C LEU C 323 -9.84 15.49 -1.87
N ALA C 324 -8.53 15.29 -1.74
CA ALA C 324 -8.03 13.94 -1.49
C ALA C 324 -8.47 13.42 -0.14
N VAL C 325 -8.86 14.32 0.75
CA VAL C 325 -9.20 13.93 2.12
C VAL C 325 -10.38 12.96 2.10
N ALA C 326 -11.41 13.27 1.32
CA ALA C 326 -12.50 12.33 1.20
C ALA C 326 -12.05 11.05 0.53
N ARG C 327 -11.31 11.17 -0.58
CA ARG C 327 -10.92 9.99 -1.34
C ARG C 327 -10.13 9.02 -0.47
N HIS C 328 -9.48 9.51 0.57
CA HIS C 328 -8.75 8.65 1.48
C HIS C 328 -9.57 8.23 2.68
N LEU C 329 -10.31 9.14 3.29
CA LEU C 329 -11.03 8.82 4.52
C LEU C 329 -12.24 7.95 4.24
N ARG C 330 -13.06 8.36 3.28
CA ARG C 330 -14.17 7.53 2.87
C ARG C 330 -13.71 6.17 2.38
N GLU C 331 -12.46 6.05 1.96
CA GLU C 331 -11.90 4.74 1.69
C GLU C 331 -11.87 3.87 2.94
N LEU C 332 -11.98 4.47 4.12
CA LEU C 332 -12.16 3.72 5.34
C LEU C 332 -13.62 3.82 5.75
N MET D 1 -18.57 -7.99 37.22
CA MET D 1 -18.60 -6.53 37.27
C MET D 1 -19.17 -5.95 35.99
N ILE D 2 -18.65 -6.42 34.86
CA ILE D 2 -19.05 -5.96 33.54
C ILE D 2 -19.57 -7.15 32.77
N ARG D 3 -20.74 -6.99 32.15
CA ARG D 3 -21.49 -8.12 31.62
C ARG D 3 -21.71 -7.98 30.10
N PHE D 4 -22.28 -9.04 29.52
CA PHE D 4 -22.73 -9.07 28.13
C PHE D 4 -24.13 -9.64 28.09
N GLU D 5 -24.87 -9.36 27.02
CA GLU D 5 -26.34 -9.42 27.06
C GLU D 5 -26.94 -10.16 25.87
N GLN D 6 -26.43 -11.35 25.56
CA GLN D 6 -27.06 -12.26 24.60
C GLN D 6 -27.11 -11.66 23.20
N VAL D 7 -26.03 -10.99 22.81
CA VAL D 7 -25.97 -10.37 21.51
C VAL D 7 -25.68 -11.40 20.43
N GLY D 8 -26.54 -11.48 19.44
CA GLY D 8 -26.31 -12.34 18.28
C GLY D 8 -25.44 -11.63 17.27
N LYS D 9 -24.76 -12.40 16.43
CA LYS D 9 -23.82 -11.84 15.48
C LYS D 9 -24.19 -12.26 14.07
N ARG D 10 -24.11 -11.32 13.15
CA ARG D 10 -24.44 -11.62 11.76
C ARG D 10 -23.89 -10.53 10.85
N TYR D 11 -22.89 -10.87 10.05
CA TYR D 11 -22.75 -10.17 8.78
C TYR D 11 -23.30 -11.14 7.75
N PRO D 12 -24.62 -11.27 7.63
CA PRO D 12 -25.17 -12.32 6.76
C PRO D 12 -24.75 -12.10 5.32
N ASN D 13 -24.39 -10.87 4.98
CA ASN D 13 -23.73 -10.62 3.72
C ASN D 13 -22.57 -11.58 3.54
N GLY D 14 -21.81 -11.80 4.62
CA GLY D 14 -20.92 -12.93 4.63
C GLY D 14 -21.60 -14.12 5.27
N HIS D 15 -22.02 -13.97 6.54
CA HIS D 15 -22.79 -15.00 7.22
C HIS D 15 -23.13 -14.48 8.61
N VAL D 16 -24.05 -15.17 9.26
CA VAL D 16 -24.41 -14.86 10.63
C VAL D 16 -23.27 -15.27 11.53
N GLY D 17 -22.89 -14.39 12.44
CA GLY D 17 -21.81 -14.70 13.34
C GLY D 17 -22.15 -15.73 14.39
N LEU D 18 -23.00 -15.37 15.36
CA LEU D 18 -23.23 -16.21 16.53
C LEU D 18 -24.64 -16.03 17.02
N HIS D 19 -25.17 -17.04 17.71
CA HIS D 19 -26.54 -16.99 18.17
C HIS D 19 -26.77 -15.85 19.17
N GLU D 20 -25.95 -15.79 20.21
CA GLU D 20 -26.11 -14.74 21.21
C GLU D 20 -24.80 -14.62 21.98
N VAL D 21 -24.67 -13.52 22.72
CA VAL D 21 -23.45 -13.24 23.48
C VAL D 21 -23.83 -12.61 24.82
N SER D 22 -23.66 -13.36 25.90
CA SER D 22 -23.83 -12.84 27.25
C SER D 22 -22.74 -13.43 28.13
N PHE D 23 -22.10 -12.57 28.91
CA PHE D 23 -21.07 -12.99 29.84
C PHE D 23 -20.75 -11.82 30.75
N ARG D 24 -20.66 -12.11 32.05
CA ARG D 24 -20.40 -11.09 33.06
C ARG D 24 -18.98 -11.24 33.55
N VAL D 25 -18.20 -10.18 33.44
CA VAL D 25 -16.78 -10.21 33.77
C VAL D 25 -16.58 -9.32 34.98
N HIS D 26 -15.96 -9.89 36.01
CA HIS D 26 -15.45 -9.09 37.10
C HIS D 26 -14.14 -8.47 36.67
N ARG D 27 -13.69 -7.47 37.41
CA ARG D 27 -12.45 -6.78 37.07
C ARG D 27 -11.25 -7.70 37.26
N GLY D 28 -10.17 -7.40 36.56
CA GLY D 28 -8.93 -8.14 36.72
C GLY D 28 -9.02 -9.59 36.28
N GLU D 29 -10.14 -9.97 35.69
CA GLU D 29 -10.35 -11.37 35.33
C GLU D 29 -9.51 -11.74 34.12
N ILE D 30 -9.35 -13.05 33.91
CA ILE D 30 -8.66 -13.60 32.76
C ILE D 30 -9.56 -14.63 32.11
N LEU D 31 -9.40 -14.84 30.80
CA LEU D 31 -10.20 -15.82 30.08
C LEU D 31 -9.42 -16.34 28.90
N PHE D 32 -10.00 -17.35 28.25
CA PHE D 32 -9.40 -17.93 27.05
C PHE D 32 -10.52 -18.53 26.21
N VAL D 33 -10.20 -18.81 24.94
CA VAL D 33 -11.17 -19.44 24.04
C VAL D 33 -10.44 -20.20 22.96
N THR D 34 -11.11 -21.21 22.42
CA THR D 34 -10.56 -22.06 21.38
C THR D 34 -11.73 -22.68 20.61
N GLY D 35 -11.44 -23.69 19.80
CA GLY D 35 -12.45 -24.41 19.08
C GLY D 35 -12.01 -24.68 17.67
N HIS D 36 -12.98 -25.04 16.84
CA HIS D 36 -12.67 -25.32 15.45
C HIS D 36 -12.23 -24.04 14.76
N SER D 37 -11.43 -24.21 13.72
CA SER D 37 -10.90 -23.04 13.02
C SER D 37 -12.01 -22.21 12.40
N GLY D 38 -13.17 -22.80 12.18
CA GLY D 38 -14.31 -22.02 11.75
C GLY D 38 -14.73 -20.96 12.75
N ALA D 39 -14.07 -20.89 13.89
CA ALA D 39 -14.38 -19.83 14.83
C ALA D 39 -14.14 -18.47 14.19
N GLY D 40 -15.19 -17.68 14.11
CA GLY D 40 -15.03 -16.26 13.91
C GLY D 40 -14.69 -15.67 15.25
N LYS D 41 -13.98 -16.44 16.07
CA LYS D 41 -13.44 -15.89 17.30
C LYS D 41 -12.64 -14.66 16.98
N SER D 42 -11.91 -14.70 15.87
CA SER D 42 -11.35 -13.48 15.33
C SER D 42 -12.44 -12.45 15.12
N THR D 43 -13.50 -12.84 14.45
CA THR D 43 -14.63 -11.94 14.29
C THR D 43 -15.26 -11.64 15.63
N LEU D 44 -15.25 -12.61 16.54
CA LEU D 44 -15.79 -12.37 17.88
C LEU D 44 -15.07 -11.20 18.52
N LEU D 45 -13.76 -11.16 18.38
CA LEU D 45 -12.99 -10.07 18.95
C LEU D 45 -13.25 -8.77 18.21
N ARG D 46 -13.25 -8.83 16.88
CA ARG D 46 -13.53 -7.63 16.11
C ARG D 46 -14.85 -7.02 16.57
N LEU D 47 -15.82 -7.87 16.84
CA LEU D 47 -17.07 -7.40 17.44
C LEU D 47 -16.80 -6.81 18.82
N ILE D 48 -16.06 -7.54 19.64
CA ILE D 48 -15.61 -6.97 20.90
C ILE D 48 -14.85 -5.70 20.62
N LEU D 49 -14.02 -5.71 19.58
CA LEU D 49 -13.36 -4.51 19.12
C LEU D 49 -14.35 -3.47 18.63
N ALA D 50 -15.64 -3.77 18.66
CA ALA D 50 -16.67 -2.88 18.14
C ALA D 50 -16.41 -2.51 16.70
N MET D 51 -15.82 -3.42 15.94
CA MET D 51 -15.55 -3.15 14.54
C MET D 51 -16.82 -2.89 13.74
N GLU D 52 -17.98 -3.31 14.25
CA GLU D 52 -19.23 -3.09 13.55
C GLU D 52 -20.32 -2.87 14.58
N ARG D 53 -21.50 -2.49 14.08
CA ARG D 53 -22.66 -2.42 14.95
C ARG D 53 -23.03 -3.83 15.39
N PRO D 54 -23.83 -3.98 16.45
CA PRO D 54 -24.00 -5.30 17.07
C PRO D 54 -24.50 -6.38 16.12
N THR D 55 -25.31 -6.03 15.13
CA THR D 55 -25.86 -6.91 14.12
C THR D 55 -26.84 -7.93 14.69
N SER D 56 -26.92 -8.05 16.02
CA SER D 56 -28.03 -8.67 16.74
C SER D 56 -27.76 -8.57 18.23
N GLY D 57 -28.83 -8.61 19.02
CA GLY D 57 -28.72 -8.76 20.46
C GLY D 57 -28.13 -7.53 21.12
N LYS D 58 -27.78 -7.71 22.40
CA LYS D 58 -27.31 -6.60 23.23
C LYS D 58 -26.04 -6.98 23.96
N LEU D 59 -25.21 -5.97 24.26
CA LEU D 59 -24.01 -6.14 25.06
C LEU D 59 -23.89 -5.00 26.07
N LEU D 60 -23.61 -5.35 27.32
CA LEU D 60 -23.45 -4.35 28.39
C LEU D 60 -22.02 -3.84 28.36
N LEU D 61 -21.79 -2.79 27.56
CA LEU D 61 -20.45 -2.30 27.30
C LEU D 61 -19.91 -1.58 28.54
N GLY D 62 -19.63 -2.39 29.57
CA GLY D 62 -19.17 -1.84 30.83
C GLY D 62 -20.17 -0.84 31.32
N GLY D 63 -19.71 0.39 31.54
CA GLY D 63 -20.63 1.47 31.85
C GLY D 63 -21.55 1.80 30.69
N GLN D 64 -21.04 1.72 29.47
CA GLN D 64 -21.77 2.17 28.30
C GLN D 64 -22.46 0.99 27.62
N ASP D 65 -23.00 1.26 26.44
CA ASP D 65 -23.53 0.24 25.55
C ASP D 65 -22.90 0.44 24.18
N LEU D 66 -22.42 -0.65 23.60
CA LEU D 66 -21.66 -0.55 22.36
C LEU D 66 -22.49 0.03 21.23
N GLY D 67 -23.74 -0.41 21.09
CA GLY D 67 -24.56 0.07 20.00
C GLY D 67 -24.91 1.54 20.18
N ARG D 68 -25.27 2.17 19.06
CA ARG D 68 -25.70 3.57 19.06
C ARG D 68 -24.64 4.47 19.68
N ILE D 69 -23.39 4.19 19.38
CA ILE D 69 -22.28 4.97 19.92
C ILE D 69 -21.91 6.05 18.91
N THR D 70 -21.69 7.26 19.40
CA THR D 70 -21.26 8.34 18.54
C THR D 70 -19.90 8.00 17.93
N THR D 71 -19.83 8.01 16.61
CA THR D 71 -18.56 7.81 15.94
C THR D 71 -17.55 8.86 16.38
N ALA D 72 -18.03 10.02 16.81
CA ALA D 72 -17.15 10.99 17.42
C ALA D 72 -16.51 10.42 18.68
N GLN D 73 -17.31 9.77 19.52
CA GLN D 73 -16.77 9.17 20.72
C GLN D 73 -15.92 7.95 20.40
N ILE D 74 -15.93 7.49 19.14
CA ILE D 74 -15.16 6.29 18.79
C ILE D 74 -13.69 6.46 19.14
N PRO D 75 -13.03 7.56 18.79
CA PRO D 75 -11.62 7.70 19.22
C PRO D 75 -11.47 7.72 20.72
N PHE D 76 -12.40 8.36 21.42
CA PHE D 76 -12.29 8.45 22.88
C PHE D 76 -12.26 7.07 23.50
N LEU D 77 -13.18 6.20 23.10
CA LEU D 77 -13.15 4.83 23.57
C LEU D 77 -11.91 4.11 23.03
N ARG D 78 -11.58 4.36 21.76
CA ARG D 78 -10.39 3.76 21.18
C ARG D 78 -9.17 4.11 22.01
N ARG D 79 -9.21 5.27 22.65
CA ARG D 79 -8.23 5.61 23.66
C ARG D 79 -8.48 4.91 24.98
N GLN D 80 -9.71 4.50 25.27
CA GLN D 80 -10.03 4.02 26.60
C GLN D 80 -9.25 2.75 26.93
N ILE D 81 -9.10 1.85 25.97
CA ILE D 81 -8.50 0.54 26.23
C ILE D 81 -7.53 0.20 25.11
N GLY D 82 -6.53 -0.62 25.43
CA GLY D 82 -5.58 -1.07 24.43
C GLY D 82 -5.74 -2.54 24.09
N VAL D 83 -5.14 -2.93 22.97
CA VAL D 83 -5.17 -4.29 22.46
C VAL D 83 -3.92 -4.56 21.65
N VAL D 84 -3.75 -5.82 21.25
CA VAL D 84 -2.65 -6.23 20.39
C VAL D 84 -3.19 -7.17 19.33
N PHE D 85 -2.29 -7.61 18.45
CA PHE D 85 -2.66 -8.49 17.35
C PHE D 85 -1.66 -9.62 17.24
N GLN D 86 -2.12 -10.73 16.68
CA GLN D 86 -1.22 -11.85 16.40
C GLN D 86 -0.20 -11.48 15.34
N ASN D 87 -0.50 -10.48 14.53
CA ASN D 87 0.52 -9.94 13.65
C ASN D 87 1.40 -8.96 14.41
N HIS D 88 2.64 -8.81 13.95
CA HIS D 88 3.60 -7.92 14.57
C HIS D 88 3.26 -6.50 14.15
N GLN D 89 2.33 -5.89 14.90
CA GLN D 89 1.85 -4.56 14.56
C GLN D 89 2.89 -3.48 14.72
N LEU D 90 4.14 -3.84 15.02
CA LEU D 90 5.18 -2.84 15.18
C LEU D 90 5.42 -2.09 13.88
N LEU D 91 5.73 -0.79 14.01
CA LEU D 91 5.98 0.07 12.86
C LEU D 91 7.47 0.15 12.60
N THR D 92 7.91 -0.37 11.46
CA THR D 92 9.31 -0.29 11.08
C THR D 92 9.70 1.16 10.78
N ASP D 93 10.97 1.34 10.42
CA ASP D 93 11.50 2.64 10.05
C ASP D 93 11.28 3.65 11.18
N ARG D 94 11.57 3.21 12.39
CA ARG D 94 11.46 4.07 13.54
C ARG D 94 12.31 3.48 14.66
N THR D 95 12.64 4.31 15.62
CA THR D 95 13.28 3.82 16.83
C THR D 95 12.31 2.89 17.55
N VAL D 96 12.88 1.93 18.26
CA VAL D 96 12.04 1.17 19.18
C VAL D 96 11.32 2.13 20.12
N ALA D 97 12.05 3.10 20.64
CA ALA D 97 11.40 4.15 21.40
C ALA D 97 10.39 4.89 20.55
N ASP D 98 10.69 5.11 19.28
CA ASP D 98 9.74 5.82 18.43
C ASP D 98 8.45 5.04 18.31
N ASN D 99 8.54 3.75 18.01
CA ASN D 99 7.36 2.93 17.92
C ASN D 99 6.60 2.97 19.23
N ILE D 100 7.33 2.87 20.34
CA ILE D 100 6.69 2.90 21.64
C ILE D 100 5.92 4.19 21.83
N ALA D 101 6.58 5.32 21.59
CA ALA D 101 5.99 6.61 21.89
C ALA D 101 4.91 6.98 20.90
N LEU D 102 4.78 6.23 19.82
CA LEU D 102 3.69 6.50 18.90
C LEU D 102 2.38 6.67 19.63
N PRO D 103 1.97 5.76 20.51
CA PRO D 103 0.80 6.06 21.34
C PRO D 103 0.97 7.31 22.16
N LEU D 104 2.17 7.52 22.71
CA LEU D 104 2.40 8.73 23.48
C LEU D 104 2.26 9.95 22.59
N GLN D 105 2.87 9.90 21.40
CA GLN D 105 2.73 11.00 20.46
C GLN D 105 1.26 11.31 20.23
N ILE D 106 0.44 10.27 20.15
CA ILE D 106 -1.00 10.49 20.05
C ILE D 106 -1.51 11.20 21.28
N LEU D 107 -1.04 10.79 22.45
CA LEU D 107 -1.57 11.37 23.69
C LEU D 107 -1.33 12.86 23.74
N GLY D 108 -0.09 13.29 23.50
CA GLY D 108 0.23 14.71 23.55
C GLY D 108 0.86 15.21 24.83
N MET D 109 1.33 14.33 25.71
CA MET D 109 1.98 14.77 26.93
C MET D 109 3.35 15.35 26.64
N PRO D 110 3.94 16.05 27.61
CA PRO D 110 5.29 16.57 27.40
C PRO D 110 6.27 15.45 27.08
N LYS D 111 7.18 15.73 26.15
CA LYS D 111 8.10 14.70 25.70
C LYS D 111 8.93 14.16 26.84
N PRO D 112 9.57 14.99 27.67
CA PRO D 112 10.22 14.42 28.85
C PRO D 112 9.26 13.69 29.74
N GLU D 113 8.05 14.21 29.90
CA GLU D 113 7.03 13.50 30.67
C GLU D 113 6.76 12.13 30.08
N ILE D 114 6.81 12.02 28.76
CA ILE D 114 6.62 10.73 28.13
C ILE D 114 7.79 9.81 28.42
N ALA D 115 9.02 10.34 28.31
CA ALA D 115 10.20 9.50 28.33
C ALA D 115 10.30 8.69 29.61
N LYS D 116 9.88 9.25 30.73
CA LYS D 116 9.94 8.53 31.99
C LYS D 116 9.13 7.25 31.91
N ARG D 117 7.84 7.37 31.57
CA ARG D 117 7.00 6.18 31.48
C ARG D 117 7.50 5.25 30.39
N VAL D 118 8.11 5.81 29.35
CA VAL D 118 8.65 4.98 28.27
C VAL D 118 9.72 4.06 28.82
N ALA D 119 10.66 4.62 29.55
CA ALA D 119 11.69 3.79 30.16
C ALA D 119 11.07 2.83 31.16
N SER D 120 10.06 3.29 31.90
CA SER D 120 9.41 2.44 32.88
C SER D 120 8.88 1.18 32.23
N ALA D 121 8.16 1.34 31.13
CA ALA D 121 7.66 0.22 30.36
C ALA D 121 8.77 -0.65 29.83
N LEU D 122 9.81 -0.03 29.25
CA LEU D 122 10.93 -0.82 28.78
C LEU D 122 11.42 -1.74 29.87
N GLU D 123 11.66 -1.19 31.05
CA GLU D 123 11.99 -2.03 32.19
C GLU D 123 10.83 -2.96 32.52
N ARG D 124 9.60 -2.45 32.43
CA ARG D 124 8.45 -3.26 32.82
C ARG D 124 8.42 -4.57 32.06
N VAL D 125 8.76 -4.54 30.78
CA VAL D 125 8.73 -5.75 29.97
C VAL D 125 10.09 -6.40 30.03
N ASN D 126 10.92 -5.95 30.97
CA ASN D 126 12.31 -6.35 31.00
C ASN D 126 12.94 -6.07 29.63
N LEU D 127 12.55 -4.94 29.05
CA LEU D 127 13.03 -4.53 27.75
C LEU D 127 13.85 -3.26 27.84
N LYS D 128 14.68 -3.15 28.88
CA LYS D 128 15.60 -2.03 29.01
C LYS D 128 16.86 -2.23 28.17
N GLU D 129 16.88 -3.23 27.30
CA GLU D 129 18.09 -3.52 26.54
C GLU D 129 18.49 -2.34 25.66
N LYS D 130 17.54 -1.78 24.91
CA LYS D 130 17.83 -0.66 24.04
C LYS D 130 16.54 0.07 23.73
N GLY D 131 16.46 1.33 24.13
CA GLY D 131 15.24 2.09 23.90
C GLY D 131 14.96 2.36 22.43
N GLU D 132 16.00 2.57 21.64
CA GLU D 132 15.82 2.96 20.25
C GLU D 132 16.56 1.93 19.39
N ALA D 133 15.82 1.28 18.49
CA ALA D 133 16.46 0.32 17.61
C ALA D 133 15.63 0.15 16.35
N LEU D 134 16.32 -0.26 15.30
CA LEU D 134 15.64 -0.77 14.13
C LEU D 134 14.97 -2.08 14.50
N PRO D 135 13.77 -2.33 13.98
CA PRO D 135 13.11 -3.59 14.31
C PRO D 135 13.95 -4.80 13.98
N SER D 136 14.66 -4.76 12.87
CA SER D 136 15.38 -5.94 12.38
C SER D 136 16.57 -6.30 13.25
N ASP D 137 17.05 -5.38 14.07
CA ASP D 137 18.12 -5.75 15.00
C ASP D 137 17.62 -6.76 16.01
N LEU D 138 16.36 -6.63 16.42
CA LEU D 138 15.85 -7.35 17.57
C LEU D 138 15.60 -8.82 17.22
N SER D 139 15.26 -9.60 18.23
CA SER D 139 14.87 -10.98 18.02
C SER D 139 13.38 -11.07 17.75
N THR D 140 13.00 -12.15 17.07
CA THR D 140 11.59 -12.35 16.76
C THR D 140 10.75 -12.33 18.02
N GLY D 141 11.13 -13.13 19.01
CA GLY D 141 10.44 -13.07 20.28
C GLY D 141 10.62 -11.71 20.92
N GLN D 142 11.83 -11.16 20.83
CA GLN D 142 12.01 -9.79 21.26
C GLN D 142 11.04 -8.89 20.52
N GLN D 143 10.88 -9.11 19.22
CA GLN D 143 9.97 -8.28 18.45
C GLN D 143 8.56 -8.37 19.02
N GLN D 144 8.09 -9.58 19.27
CA GLN D 144 6.75 -9.71 19.83
C GLN D 144 6.65 -9.01 21.16
N ARG D 145 7.64 -9.22 22.02
CA ARG D 145 7.64 -8.56 23.31
C ARG D 145 7.56 -7.06 23.13
N VAL D 146 8.12 -6.57 22.04
CA VAL D 146 8.07 -5.14 21.79
C VAL D 146 6.63 -4.71 21.63
N GLY D 147 5.88 -5.38 20.77
CA GLY D 147 4.49 -5.02 20.63
C GLY D 147 3.75 -5.21 21.94
N ILE D 148 4.14 -6.23 22.69
CA ILE D 148 3.54 -6.43 23.99
C ILE D 148 3.66 -5.15 24.79
N ALA D 149 4.85 -4.60 24.81
CA ALA D 149 5.08 -3.36 25.55
C ALA D 149 4.31 -2.22 24.93
N ARG D 150 4.21 -2.21 23.61
CA ARG D 150 3.45 -1.17 22.95
C ARG D 150 2.06 -1.12 23.52
N ALA D 151 1.43 -2.28 23.62
CA ALA D 151 0.14 -2.35 24.27
C ALA D 151 0.24 -1.92 25.71
N ILE D 152 1.28 -2.38 26.39
CA ILE D 152 1.43 -2.09 27.81
C ILE D 152 1.42 -0.60 28.03
N VAL D 153 1.84 0.14 27.03
CA VAL D 153 1.94 1.59 27.12
C VAL D 153 0.56 2.14 27.47
N HIS D 154 0.53 3.35 28.00
CA HIS D 154 -0.64 4.13 28.33
C HIS D 154 -1.35 3.59 29.56
N GLN D 155 -0.90 2.48 30.14
CA GLN D 155 -1.55 1.87 31.29
C GLN D 155 -3.06 1.79 31.03
N PRO D 156 -3.47 1.16 29.93
CA PRO D 156 -4.88 1.12 29.59
C PRO D 156 -5.69 0.41 30.66
N ALA D 157 -6.98 0.71 30.69
CA ALA D 157 -7.86 0.09 31.68
C ALA D 157 -7.88 -1.42 31.53
N LEU D 158 -7.96 -1.92 30.30
CA LEU D 158 -7.97 -3.35 30.04
C LEU D 158 -7.26 -3.62 28.73
N LEU D 159 -6.83 -4.86 28.56
CA LEU D 159 -6.10 -5.27 27.37
C LEU D 159 -6.79 -6.45 26.73
N LEU D 160 -6.63 -6.58 25.42
CA LEU D 160 -7.27 -7.66 24.69
C LEU D 160 -6.29 -8.56 23.97
N ALA D 161 -5.46 -7.99 23.12
CA ALA D 161 -4.49 -8.75 22.32
C ALA D 161 -5.23 -9.82 21.55
N ASP D 162 -4.55 -10.90 21.20
CA ASP D 162 -5.10 -11.89 20.30
C ASP D 162 -4.36 -13.19 20.56
N GLU D 163 -4.50 -14.12 19.65
CA GLU D 163 -3.71 -15.33 19.77
C GLU D 163 -2.25 -14.94 19.77
N PRO D 164 -1.60 -14.97 20.90
CA PRO D 164 -0.17 -14.71 20.92
C PRO D 164 0.57 -15.94 20.48
N THR D 165 1.89 -15.90 20.54
CA THR D 165 2.72 -17.01 20.09
C THR D 165 2.27 -17.43 18.70
N GLY D 166 1.92 -16.45 17.89
CA GLY D 166 1.49 -16.73 16.53
C GLY D 166 2.49 -17.62 15.82
N ASN D 167 3.74 -17.58 16.25
CA ASN D 167 4.74 -18.52 15.79
C ASN D 167 5.58 -19.10 16.91
N LEU D 168 5.45 -18.58 18.13
CA LEU D 168 6.38 -18.96 19.18
C LEU D 168 6.25 -20.43 19.52
N ASP D 169 7.34 -21.17 19.35
CA ASP D 169 7.27 -22.58 19.68
C ASP D 169 7.18 -22.72 21.19
N PRO D 170 7.01 -23.95 21.68
CA PRO D 170 6.51 -24.12 23.05
C PRO D 170 7.32 -23.43 24.11
N ARG D 171 8.64 -23.45 24.01
CA ARG D 171 9.43 -22.73 25.00
C ARG D 171 9.13 -21.25 24.95
N LEU D 172 9.25 -20.65 23.77
CA LEU D 172 8.92 -19.25 23.64
C LEU D 172 7.44 -19.01 23.86
N ALA D 173 6.61 -19.93 23.39
CA ALA D 173 5.18 -19.78 23.60
C ALA D 173 4.88 -19.65 25.09
N SER D 174 5.40 -20.58 25.87
CA SER D 174 5.18 -20.56 27.30
C SER D 174 5.78 -19.31 27.91
N GLU D 175 6.95 -18.92 27.43
CA GLU D 175 7.57 -17.72 27.94
C GLU D 175 6.63 -16.53 27.78
N ILE D 176 6.07 -16.37 26.59
CA ILE D 176 5.17 -15.26 26.33
C ILE D 176 3.94 -15.39 27.20
N MET D 177 3.44 -16.62 27.34
CA MET D 177 2.29 -16.82 28.20
C MET D 177 2.57 -16.32 29.59
N GLY D 178 3.72 -16.70 30.14
CA GLY D 178 4.06 -16.25 31.47
C GLY D 178 4.25 -14.75 31.51
N VAL D 179 4.73 -14.17 30.41
CA VAL D 179 4.82 -12.74 30.34
C VAL D 179 3.45 -12.14 30.55
N PHE D 180 2.48 -12.67 29.83
CA PHE D 180 1.11 -12.21 30.01
C PHE D 180 0.64 -12.50 31.43
N GLU D 181 1.09 -13.60 31.98
CA GLU D 181 0.70 -13.95 33.33
C GLU D 181 1.14 -12.86 34.28
N ASP D 182 2.40 -12.45 34.17
CA ASP D 182 2.90 -11.36 34.98
C ASP D 182 2.12 -10.09 34.68
N ILE D 183 1.77 -9.90 33.42
CA ILE D 183 0.98 -8.73 33.07
C ILE D 183 -0.28 -8.70 33.90
N ASN D 184 -0.94 -9.85 34.02
CA ASN D 184 -2.08 -9.96 34.91
C ASN D 184 -1.67 -9.83 36.36
N ARG D 185 -0.43 -10.17 36.68
CA ARG D 185 0.02 -10.08 38.07
C ARG D 185 -0.07 -8.65 38.54
N LEU D 186 0.35 -7.72 37.70
CA LEU D 186 -0.21 -6.39 37.79
C LEU D 186 -1.70 -6.55 37.54
N GLY D 187 -2.51 -6.28 38.55
CA GLY D 187 -3.89 -6.72 38.51
C GLY D 187 -4.58 -6.23 37.25
N THR D 188 -4.85 -7.16 36.34
CA THR D 188 -5.22 -6.78 34.99
C THR D 188 -6.42 -7.60 34.54
N THR D 189 -7.38 -6.91 33.95
CA THR D 189 -8.50 -7.54 33.27
C THR D 189 -8.15 -7.66 31.80
N VAL D 190 -7.82 -8.86 31.36
CA VAL D 190 -7.37 -9.07 29.99
C VAL D 190 -7.51 -10.55 29.66
N LEU D 191 -7.86 -10.85 28.41
CA LEU D 191 -8.03 -12.22 27.96
C LEU D 191 -7.72 -12.32 26.47
N ILE D 192 -7.15 -13.45 26.08
CA ILE D 192 -6.92 -13.76 24.66
C ILE D 192 -7.33 -15.20 24.41
N ALA D 193 -7.36 -15.57 23.14
CA ALA D 193 -7.82 -16.89 22.74
C ALA D 193 -6.91 -17.41 21.63
N SER D 194 -6.99 -18.71 21.39
CA SER D 194 -6.22 -19.32 20.31
C SER D 194 -6.85 -20.64 19.93
N HIS D 195 -6.41 -21.18 18.80
CA HIS D 195 -6.92 -22.44 18.30
C HIS D 195 -6.25 -23.63 18.97
N ASP D 196 -5.57 -23.42 20.10
CA ASP D 196 -4.84 -24.47 20.80
C ASP D 196 -4.94 -24.25 22.31
N LEU D 197 -5.59 -25.18 23.01
CA LEU D 197 -5.76 -25.02 24.46
C LEU D 197 -4.66 -25.73 25.24
N ALA D 198 -3.86 -26.54 24.55
CA ALA D 198 -2.94 -27.43 25.25
C ALA D 198 -2.11 -26.67 26.27
N LEU D 199 -1.46 -25.59 25.84
CA LEU D 199 -0.79 -24.73 26.79
C LEU D 199 -1.81 -24.06 27.72
N ILE D 200 -2.91 -23.57 27.15
CA ILE D 200 -3.91 -22.88 27.95
C ILE D 200 -4.42 -23.81 29.04
N ALA D 201 -4.54 -25.09 28.72
CA ALA D 201 -4.92 -26.07 29.71
C ALA D 201 -3.93 -26.11 30.87
N ARG D 202 -2.64 -25.91 30.60
CA ARG D 202 -1.66 -25.91 31.67
C ARG D 202 -1.93 -24.79 32.67
N MET D 203 -2.72 -23.80 32.26
CA MET D 203 -3.06 -22.69 33.13
C MET D 203 -4.52 -22.80 33.55
N ARG D 204 -4.76 -22.73 34.85
CA ARG D 204 -6.12 -22.68 35.32
C ARG D 204 -6.76 -21.36 34.96
N HIS D 205 -7.95 -21.44 34.39
CA HIS D 205 -8.66 -20.25 33.89
C HIS D 205 -10.06 -20.69 33.48
N ARG D 206 -10.90 -19.70 33.17
CA ARG D 206 -12.26 -20.02 32.73
C ARG D 206 -12.26 -20.76 31.40
N MET D 207 -11.61 -20.18 30.39
CA MET D 207 -11.41 -20.83 29.09
C MET D 207 -12.75 -21.29 28.48
N LEU D 208 -13.65 -20.34 28.31
CA LEU D 208 -14.91 -20.63 27.62
C LEU D 208 -14.67 -20.75 26.12
N THR D 209 -15.50 -21.57 25.46
CA THR D 209 -15.42 -21.78 24.03
C THR D 209 -16.81 -21.90 23.42
N LEU D 210 -16.92 -21.69 22.11
CA LEU D 210 -18.18 -21.84 21.39
C LEU D 210 -17.90 -22.40 20.00
N GLN D 211 -18.92 -22.97 19.38
CA GLN D 211 -18.74 -23.68 18.13
C GLN D 211 -19.79 -23.25 17.13
N ARG D 212 -19.34 -22.95 15.91
CA ARG D 212 -20.23 -22.73 14.79
C ARG D 212 -21.28 -21.68 15.11
N GLY D 213 -20.86 -20.59 15.73
CA GLY D 213 -21.80 -19.55 16.08
C GLY D 213 -22.67 -19.88 17.26
N ARG D 214 -22.41 -20.99 17.94
CA ARG D 214 -23.11 -21.24 19.19
C ARG D 214 -22.85 -20.09 20.13
N ILE D 215 -23.91 -19.67 20.84
CA ILE D 215 -23.72 -18.65 21.87
C ILE D 215 -22.68 -19.11 22.87
N ILE D 216 -22.79 -20.36 23.33
CA ILE D 216 -21.71 -20.98 24.09
C ILE D 216 -21.73 -22.49 23.84
N ALA D 217 -20.74 -22.99 23.10
CA ALA D 217 -20.60 -24.44 22.99
C ALA D 217 -19.85 -25.02 24.18
N ASP D 218 -19.39 -24.18 25.10
CA ASP D 218 -18.63 -24.64 26.27
C ASP D 218 -19.12 -23.86 27.49
N ARG D 219 -18.62 -24.25 28.66
CA ARG D 219 -19.09 -23.71 29.93
C ARG D 219 -18.07 -22.74 30.53
N GLU D 220 -18.35 -22.27 31.74
CA GLU D 220 -17.42 -21.38 32.44
C GLU D 220 -16.13 -22.10 32.79
N ASP D 221 -16.25 -23.35 33.26
CA ASP D 221 -15.08 -24.17 33.61
C ASP D 221 -14.16 -23.46 34.59
N GLU D 222 -14.74 -22.80 35.59
CA GLU D 222 -13.98 -22.06 36.59
C GLU D 222 -13.00 -22.96 37.35
#